data_6SLS
#
_entry.id   6SLS
#
_cell.length_a   138.560
_cell.length_b   138.560
_cell.length_c   142.050
_cell.angle_alpha   90.000
_cell.angle_beta   90.000
_cell.angle_gamma   120.000
#
_symmetry.space_group_name_H-M   'P 64'
#
loop_
_entity.id
_entity.type
_entity.pdbx_description
1 polymer 'Tryptophan 6-halogenase'
2 non-polymer GLYCEROL
3 non-polymer 'PHOSPHATE ION'
4 non-polymer 'FLAVIN-ADENINE DINUCLEOTIDE'
5 non-polymer 'POTASSIUM ION'
6 water water
#
_entity_poly.entity_id   1
_entity_poly.type   'polypeptide(L)'
_entity_poly.pdbx_seq_one_letter_code
;GAMGDNRIKTVVILGGGTAGWMTAAYLGKALQNTVKIVVLEAPTIPRIGVGEATVPNLQRAFFDYLGIPEEEWMRECNAS
YKMAVKFINWRTPGEGSPDPRTLDDGHTDTFHHPFGLLPSADQIPLSHYWAAKRLQGETDENFDEACFADTAIMNAKKAP
RFLDMRRATNYAWHFDASKVAAFLRNFAVTKQAVEHVEDEMTEVLTDERGFITALRTKSGRILQGDLFVDCSGFRGLLIN
KAMEEPFIDMSDHLLCNSAVATAVPHDDEKNGVEPYTSSIAMEAGWTWKIPMLGRFGSGHVYSDHFATQDEATLAFSKLW
GLDPDNTEFNHVRFRVGRNRRAWVRNCVSVGLASCFVEPLESSGIYFIYAAIHMLAKHFPDKTFDKVLVDRFNREIEEMF
DDTRDFLQAHYYFSPRVDTPFWRANKELKLADSIKDKVETYRAGLPVNLPVTDEGTYYGNFEAEFRNFWTNGSYYCIFAG
LGLMPRNPLPALAYKPQSIAEAELLFADVKRKGDTLVESLPSTYDLLRQLHGAS
;
_entity_poly.pdbx_strand_id   A,B
#
# COMPACT_ATOMS: atom_id res chain seq x y z
N ASP A 5 10.66 30.86 18.93
CA ASP A 5 9.72 30.69 17.79
C ASP A 5 10.53 30.63 16.49
N ASN A 6 10.75 29.41 15.99
CA ASN A 6 11.51 29.12 14.75
C ASN A 6 10.54 28.88 13.57
N ARG A 7 9.25 29.07 13.81
CA ARG A 7 8.16 28.76 12.85
C ARG A 7 8.19 29.70 11.64
N ILE A 8 7.66 29.19 10.53
CA ILE A 8 7.17 29.96 9.36
C ILE A 8 6.11 30.90 9.92
N LYS A 9 6.15 32.19 9.53
CA LYS A 9 5.16 33.18 9.99
C LYS A 9 4.31 33.64 8.81
N THR A 10 4.92 33.84 7.64
CA THR A 10 4.23 34.27 6.40
C THR A 10 4.50 33.26 5.27
N VAL A 11 3.45 32.86 4.59
CA VAL A 11 3.54 32.06 3.34
C VAL A 11 3.06 32.96 2.21
N VAL A 12 3.89 33.11 1.18
CA VAL A 12 3.55 33.88 -0.04
C VAL A 12 3.34 32.86 -1.16
N ILE A 13 2.21 32.96 -1.84
CA ILE A 13 1.81 32.09 -2.98
C ILE A 13 1.84 32.98 -4.22
N LEU A 14 2.71 32.67 -5.17
CA LEU A 14 2.74 33.38 -6.46
C LEU A 14 1.83 32.65 -7.43
N GLY A 15 0.74 33.29 -7.87
CA GLY A 15 -0.19 32.76 -8.87
C GLY A 15 -1.59 32.58 -8.32
N GLY A 16 -2.60 32.88 -9.13
CA GLY A 16 -4.02 32.87 -8.71
C GLY A 16 -4.88 32.06 -9.66
N GLY A 17 -4.36 30.96 -10.15
CA GLY A 17 -5.14 29.98 -10.90
C GLY A 17 -5.71 28.97 -9.94
N THR A 18 -6.11 27.81 -10.43
CA THR A 18 -6.59 26.71 -9.58
C THR A 18 -5.50 26.36 -8.56
N ALA A 19 -4.23 26.39 -8.95
CA ALA A 19 -3.14 25.93 -8.07
C ALA A 19 -3.01 26.88 -6.85
N GLY A 20 -2.94 28.18 -7.11
CA GLY A 20 -2.75 29.19 -6.05
C GLY A 20 -3.89 29.19 -5.05
N TRP A 21 -5.12 29.23 -5.53
CA TRP A 21 -6.32 29.32 -4.66
C TRP A 21 -6.57 27.99 -3.95
N MET A 22 -6.30 26.86 -4.59
CA MET A 22 -6.36 25.55 -3.88
C MET A 22 -5.31 25.54 -2.77
N THR A 23 -4.10 26.04 -3.03
CA THR A 23 -3.02 26.09 -2.01
C THR A 23 -3.44 27.02 -0.85
N ALA A 24 -3.95 28.21 -1.16
CA ALA A 24 -4.34 29.20 -0.14
C ALA A 24 -5.45 28.63 0.73
N ALA A 25 -6.49 28.09 0.13
CA ALA A 25 -7.67 27.54 0.85
C ALA A 25 -7.21 26.39 1.74
N TYR A 26 -6.41 25.47 1.21
CA TYR A 26 -6.01 24.26 1.98
C TYR A 26 -5.10 24.67 3.13
N LEU A 27 -4.08 25.47 2.86
CA LEU A 27 -3.10 25.85 3.93
C LEU A 27 -3.82 26.69 4.99
N GLY A 28 -4.79 27.50 4.59
CA GLY A 28 -5.66 28.25 5.51
C GLY A 28 -6.27 27.35 6.56
N LYS A 29 -6.86 26.22 6.13
CA LYS A 29 -7.45 25.18 7.03
C LYS A 29 -6.33 24.46 7.82
N ALA A 30 -5.32 23.95 7.15
CA ALA A 30 -4.28 23.08 7.74
C ALA A 30 -3.53 23.81 8.85
N LEU A 31 -3.23 25.10 8.67
CA LEU A 31 -2.31 25.86 9.54
C LEU A 31 -3.09 26.69 10.58
N GLN A 32 -4.42 26.58 10.58
CA GLN A 32 -5.25 26.92 11.77
C GLN A 32 -4.93 28.35 12.22
N ASN A 33 -4.77 29.28 11.28
CA ASN A 33 -4.58 30.73 11.56
C ASN A 33 -3.28 31.00 12.33
N THR A 34 -2.26 30.13 12.31
CA THR A 34 -0.97 30.37 13.00
C THR A 34 0.02 31.06 12.05
N VAL A 35 -0.37 31.26 10.80
CA VAL A 35 0.54 31.71 9.71
C VAL A 35 -0.22 32.73 8.85
N LYS A 36 0.41 33.81 8.40
CA LYS A 36 -0.17 34.73 7.41
C LYS A 36 0.02 34.11 6.03
N ILE A 37 -1.01 34.16 5.19
CA ILE A 37 -1.00 33.65 3.80
C ILE A 37 -1.32 34.79 2.84
N VAL A 38 -0.46 34.96 1.84
CA VAL A 38 -0.57 36.05 0.83
C VAL A 38 -0.57 35.38 -0.53
N VAL A 39 -1.55 35.74 -1.36
CA VAL A 39 -1.60 35.39 -2.80
C VAL A 39 -1.30 36.64 -3.61
N LEU A 40 -0.23 36.59 -4.39
CA LEU A 40 0.11 37.59 -5.42
C LEU A 40 -0.26 37.05 -6.80
N GLU A 41 -1.24 37.64 -7.47
CA GLU A 41 -1.62 37.23 -8.85
C GLU A 41 -1.91 38.50 -9.66
N ALA A 42 -1.44 38.55 -10.91
CA ALA A 42 -1.73 39.63 -11.87
C ALA A 42 -3.04 39.27 -12.56
N PRO A 43 -4.13 40.05 -12.43
CA PRO A 43 -5.34 39.76 -13.21
C PRO A 43 -5.05 39.83 -14.72
N THR A 44 -4.03 40.60 -15.11
CA THR A 44 -3.62 40.91 -16.51
C THR A 44 -2.81 39.75 -17.14
N ILE A 45 -2.27 38.81 -16.35
CA ILE A 45 -1.63 37.55 -16.86
C ILE A 45 -2.62 36.40 -16.64
N PRO A 46 -3.39 35.97 -17.66
CA PRO A 46 -4.50 35.04 -17.44
C PRO A 46 -4.11 33.63 -16.93
N ARG A 47 -5.01 32.98 -16.16
CA ARG A 47 -4.90 31.54 -15.77
C ARG A 47 -5.03 30.70 -17.05
N ILE A 48 -4.46 29.49 -17.07
CA ILE A 48 -4.34 28.64 -18.29
C ILE A 48 -5.75 28.41 -18.87
N GLY A 49 -6.78 28.38 -18.01
CA GLY A 49 -8.20 28.51 -18.39
C GLY A 49 -8.85 27.16 -18.66
N VAL A 50 -8.05 26.15 -18.99
CA VAL A 50 -8.47 24.72 -19.12
C VAL A 50 -8.13 24.00 -17.80
N GLY A 51 -8.42 22.70 -17.71
CA GLY A 51 -8.38 21.93 -16.45
C GLY A 51 -9.78 21.68 -15.93
N GLU A 52 -10.59 20.89 -16.66
CA GLU A 52 -12.08 20.85 -16.52
C GLU A 52 -12.60 19.45 -16.13
N ALA A 53 -11.77 18.39 -16.09
CA ALA A 53 -12.20 17.05 -15.59
C ALA A 53 -11.34 16.57 -14.42
N THR A 54 -11.86 15.72 -13.55
CA THR A 54 -11.19 15.32 -12.29
C THR A 54 -11.34 13.82 -12.02
N VAL A 55 -10.80 13.38 -10.88
CA VAL A 55 -10.91 11.99 -10.36
C VAL A 55 -11.74 12.05 -9.07
N PRO A 56 -12.28 10.89 -8.63
CA PRO A 56 -13.27 10.85 -7.55
C PRO A 56 -12.87 11.31 -6.12
N ASN A 57 -11.58 11.28 -5.77
CA ASN A 57 -11.12 11.68 -4.40
C ASN A 57 -11.20 13.22 -4.22
N LEU A 58 -11.50 14.00 -5.27
CA LEU A 58 -11.53 15.48 -5.16
C LEU A 58 -12.43 15.95 -4.02
N GLN A 59 -13.63 15.41 -3.85
CA GLN A 59 -14.59 15.91 -2.80
C GLN A 59 -14.09 15.46 -1.44
N ARG A 60 -13.68 14.20 -1.31
CA ARG A 60 -13.23 13.60 -0.02
C ARG A 60 -12.01 14.40 0.46
N ALA A 61 -10.98 14.48 -0.37
CA ALA A 61 -9.60 14.89 -0.02
C ALA A 61 -9.47 16.42 0.03
N PHE A 62 -10.40 17.18 -0.57
CA PHE A 62 -10.26 18.64 -0.75
C PHE A 62 -11.49 19.40 -0.19
N PHE A 63 -12.63 19.39 -0.89
CA PHE A 63 -13.80 20.22 -0.50
C PHE A 63 -14.32 19.83 0.91
N ASP A 64 -14.19 18.56 1.32
CA ASP A 64 -14.63 18.05 2.64
C ASP A 64 -13.64 18.51 3.75
N TYR A 65 -12.34 18.57 3.47
CA TYR A 65 -11.29 19.09 4.39
C TYR A 65 -11.58 20.56 4.72
N LEU A 66 -12.10 21.31 3.74
CA LEU A 66 -12.48 22.74 3.86
C LEU A 66 -13.93 22.85 4.38
N GLY A 67 -14.63 21.74 4.54
CA GLY A 67 -16.07 21.71 4.91
C GLY A 67 -16.95 22.43 3.90
N ILE A 68 -16.64 22.32 2.61
CA ILE A 68 -17.53 22.86 1.53
C ILE A 68 -18.38 21.70 1.01
N PRO A 69 -19.72 21.83 1.00
CA PRO A 69 -20.57 20.73 0.49
C PRO A 69 -20.58 20.66 -1.05
N GLU A 70 -20.62 19.42 -1.58
CA GLU A 70 -20.56 19.10 -3.03
C GLU A 70 -21.46 20.06 -3.82
N GLU A 71 -22.73 20.21 -3.41
CA GLU A 71 -23.77 20.96 -4.17
C GLU A 71 -23.40 22.45 -4.26
N GLU A 72 -22.76 23.00 -3.22
CA GLU A 72 -22.46 24.45 -3.14
C GLU A 72 -21.44 24.82 -4.23
N TRP A 73 -20.33 24.07 -4.37
CA TRP A 73 -19.26 24.41 -5.35
C TRP A 73 -19.71 24.04 -6.78
N MET A 74 -20.41 22.91 -6.94
CA MET A 74 -20.91 22.47 -8.27
C MET A 74 -21.80 23.56 -8.87
N ARG A 75 -22.70 24.13 -8.06
CA ARG A 75 -23.66 25.18 -8.51
C ARG A 75 -22.92 26.42 -8.99
N GLU A 76 -21.73 26.70 -8.42
CA GLU A 76 -20.95 27.94 -8.71
C GLU A 76 -20.11 27.79 -9.99
N CYS A 77 -19.80 26.57 -10.42
N CYS A 77 -19.82 26.57 -10.43
CA CYS A 77 -18.88 26.35 -11.58
CA CYS A 77 -18.87 26.32 -11.55
C CYS A 77 -19.52 25.53 -12.71
C CYS A 77 -19.51 25.52 -12.70
N ASN A 78 -20.86 25.49 -12.77
CA ASN A 78 -21.64 24.76 -13.80
C ASN A 78 -21.15 23.31 -13.94
N ALA A 79 -20.94 22.64 -12.82
CA ALA A 79 -20.30 21.30 -12.77
C ALA A 79 -21.30 20.24 -13.26
N SER A 80 -20.77 19.15 -13.81
CA SER A 80 -21.52 17.94 -14.24
C SER A 80 -20.75 16.72 -13.76
N TYR A 81 -21.29 15.52 -14.03
CA TYR A 81 -20.86 14.21 -13.48
C TYR A 81 -20.02 13.47 -14.53
N LYS A 82 -19.01 12.74 -14.05
CA LYS A 82 -18.00 11.99 -14.84
C LYS A 82 -17.86 10.59 -14.24
N MET A 83 -18.32 9.55 -14.94
CA MET A 83 -18.23 8.14 -14.44
C MET A 83 -17.04 7.43 -15.07
N ALA A 84 -16.43 8.01 -16.10
CA ALA A 84 -15.26 7.40 -16.78
C ALA A 84 -14.65 8.40 -17.76
N VAL A 85 -13.49 8.02 -18.28
CA VAL A 85 -12.96 8.46 -19.59
C VAL A 85 -13.34 7.36 -20.61
N LYS A 86 -13.98 7.76 -21.71
CA LYS A 86 -14.43 6.88 -22.82
C LYS A 86 -13.50 7.09 -24.01
N PHE A 87 -12.75 6.06 -24.40
CA PHE A 87 -11.77 6.08 -25.52
C PHE A 87 -12.49 5.70 -26.81
N ILE A 88 -12.42 6.58 -27.81
CA ILE A 88 -13.08 6.42 -29.14
C ILE A 88 -12.03 6.45 -30.26
N ASN A 89 -11.98 5.38 -31.07
CA ASN A 89 -11.22 5.28 -32.35
C ASN A 89 -9.73 5.20 -32.06
N TRP A 90 -9.36 4.72 -30.88
CA TRP A 90 -7.95 4.52 -30.46
C TRP A 90 -7.33 3.27 -31.09
N ARG A 91 -8.12 2.44 -31.79
CA ARG A 91 -7.61 1.18 -32.39
C ARG A 91 -7.70 1.18 -33.92
N THR A 92 -8.51 2.08 -34.52
CA THR A 92 -8.82 2.07 -35.96
C THR A 92 -8.31 3.34 -36.64
N PRO A 93 -7.83 3.23 -37.90
CA PRO A 93 -7.18 4.35 -38.59
C PRO A 93 -8.19 5.36 -39.16
N GLY A 94 -7.75 6.58 -39.47
CA GLY A 94 -8.56 7.58 -40.20
C GLY A 94 -8.63 8.94 -39.50
N GLU A 95 -9.30 9.89 -40.14
CA GLU A 95 -9.53 11.26 -39.61
C GLU A 95 -10.29 11.14 -38.29
N GLY A 96 -10.21 12.18 -37.48
CA GLY A 96 -11.05 12.35 -36.28
C GLY A 96 -12.51 12.39 -36.64
N SER A 97 -13.29 11.56 -35.96
CA SER A 97 -14.78 11.57 -35.95
C SER A 97 -15.22 11.34 -34.52
N PRO A 98 -16.33 11.99 -34.07
CA PRO A 98 -16.95 11.67 -32.79
C PRO A 98 -17.61 10.28 -32.78
N ASP A 99 -17.78 9.67 -33.96
CA ASP A 99 -18.51 8.38 -34.12
C ASP A 99 -17.49 7.26 -34.15
N PRO A 100 -17.71 6.19 -33.37
CA PRO A 100 -16.74 5.08 -33.35
C PRO A 100 -16.77 4.27 -34.64
N ARG A 101 -15.60 3.98 -35.18
CA ARG A 101 -15.42 3.04 -36.31
C ARG A 101 -15.68 1.63 -35.81
N THR A 102 -15.59 0.62 -36.70
CA THR A 102 -15.81 -0.81 -36.41
C THR A 102 -14.48 -1.55 -36.56
N LEU A 103 -14.11 -2.37 -35.57
CA LEU A 103 -12.93 -3.26 -35.59
C LEU A 103 -13.15 -4.40 -36.61
N ASP A 104 -12.06 -5.03 -37.02
CA ASP A 104 -12.02 -6.26 -37.85
C ASP A 104 -13.02 -7.29 -37.28
N ASP A 105 -13.15 -7.36 -35.95
CA ASP A 105 -13.85 -8.43 -35.22
C ASP A 105 -15.31 -8.05 -34.99
N GLY A 106 -15.74 -6.88 -35.45
CA GLY A 106 -17.17 -6.49 -35.44
C GLY A 106 -17.51 -5.56 -34.30
N HIS A 107 -16.69 -5.52 -33.25
CA HIS A 107 -16.85 -4.62 -32.09
C HIS A 107 -16.72 -3.16 -32.52
N THR A 108 -17.51 -2.28 -31.92
CA THR A 108 -17.35 -0.80 -32.00
C THR A 108 -16.02 -0.42 -31.34
N ASP A 109 -15.29 0.57 -31.86
CA ASP A 109 -13.98 0.99 -31.28
C ASP A 109 -14.22 1.99 -30.14
N THR A 110 -14.81 1.52 -29.04
CA THR A 110 -14.95 2.26 -27.77
C THR A 110 -14.57 1.33 -26.62
N PHE A 111 -13.83 1.87 -25.66
CA PHE A 111 -13.64 1.25 -24.33
C PHE A 111 -13.69 2.33 -23.24
N HIS A 112 -14.13 1.93 -22.07
CA HIS A 112 -14.34 2.83 -20.90
C HIS A 112 -13.26 2.53 -19.86
N HIS A 113 -12.87 3.59 -19.16
CA HIS A 113 -12.05 3.55 -17.92
C HIS A 113 -12.91 4.15 -16.82
N PRO A 114 -13.79 3.34 -16.18
CA PRO A 114 -14.66 3.82 -15.11
C PRO A 114 -13.96 3.72 -13.75
N PHE A 115 -14.59 4.27 -12.72
CA PHE A 115 -14.03 4.37 -11.34
C PHE A 115 -14.60 3.26 -10.45
N GLY A 116 -14.10 3.16 -9.23
CA GLY A 116 -14.59 2.17 -8.24
C GLY A 116 -14.14 0.74 -8.56
N LEU A 117 -13.99 -0.08 -7.52
CA LEU A 117 -13.18 -1.32 -7.53
C LEU A 117 -13.99 -2.49 -8.11
N LEU A 118 -13.28 -3.43 -8.71
CA LEU A 118 -13.81 -4.72 -9.19
C LEU A 118 -14.10 -5.57 -7.97
N PRO A 119 -15.23 -6.31 -7.94
CA PRO A 119 -15.41 -7.32 -6.91
C PRO A 119 -14.42 -8.45 -7.20
N SER A 120 -14.25 -9.34 -6.25
CA SER A 120 -13.32 -10.48 -6.40
C SER A 120 -14.03 -11.73 -5.89
N ALA A 121 -13.59 -12.90 -6.35
CA ALA A 121 -14.07 -14.19 -5.83
C ALA A 121 -12.83 -15.05 -5.56
N ASP A 122 -12.74 -15.57 -4.34
CA ASP A 122 -11.62 -16.40 -3.87
C ASP A 122 -10.35 -15.56 -4.05
N GLN A 123 -10.45 -14.26 -3.72
CA GLN A 123 -9.30 -13.32 -3.64
C GLN A 123 -8.76 -13.04 -5.04
N ILE A 124 -9.54 -13.31 -6.09
CA ILE A 124 -9.13 -13.05 -7.50
C ILE A 124 -10.09 -12.03 -8.06
N PRO A 125 -9.60 -10.92 -8.64
CA PRO A 125 -10.50 -9.90 -9.16
C PRO A 125 -11.27 -10.39 -10.40
N LEU A 126 -12.46 -9.83 -10.60
CA LEU A 126 -13.42 -10.24 -11.64
C LEU A 126 -12.73 -10.15 -13.01
N SER A 127 -11.82 -9.20 -13.15
CA SER A 127 -11.01 -8.98 -14.38
C SER A 127 -10.50 -10.32 -14.89
N HIS A 128 -9.98 -11.14 -14.00
CA HIS A 128 -9.20 -12.37 -14.34
C HIS A 128 -10.15 -13.50 -14.78
N TYR A 129 -11.37 -13.53 -14.25
CA TYR A 129 -12.43 -14.50 -14.64
C TYR A 129 -12.92 -14.09 -16.03
N TRP A 130 -13.10 -12.78 -16.25
CA TRP A 130 -13.44 -12.24 -17.58
C TRP A 130 -12.40 -12.66 -18.61
N ALA A 131 -11.11 -12.54 -18.29
CA ALA A 131 -10.01 -12.75 -19.25
C ALA A 131 -9.95 -14.23 -19.65
N ALA A 132 -10.20 -15.12 -18.70
CA ALA A 132 -10.25 -16.59 -18.90
C ALA A 132 -11.35 -16.93 -19.93
N LYS A 133 -12.58 -16.52 -19.66
CA LYS A 133 -13.77 -16.71 -20.54
C LYS A 133 -13.50 -16.13 -21.92
N ARG A 134 -12.87 -14.94 -22.01
CA ARG A 134 -12.66 -14.25 -23.31
C ARG A 134 -11.58 -14.96 -24.12
N LEU A 135 -10.49 -15.40 -23.48
CA LEU A 135 -9.38 -16.12 -24.17
C LEU A 135 -9.84 -17.52 -24.60
N GLN A 136 -10.91 -18.05 -24.00
CA GLN A 136 -11.42 -19.43 -24.19
C GLN A 136 -12.69 -19.41 -25.06
N GLY A 137 -13.07 -18.25 -25.62
CA GLY A 137 -14.28 -18.10 -26.45
C GLY A 137 -15.60 -18.19 -25.68
N GLU A 138 -15.59 -18.31 -24.35
CA GLU A 138 -16.86 -18.48 -23.58
C GLU A 138 -17.61 -17.15 -23.46
N THR A 139 -16.98 -16.03 -23.84
CA THR A 139 -17.66 -14.71 -23.89
C THR A 139 -17.07 -13.93 -25.05
N ASP A 140 -17.91 -13.02 -25.57
CA ASP A 140 -17.56 -11.97 -26.56
C ASP A 140 -17.84 -10.60 -25.92
N GLU A 141 -18.13 -10.56 -24.61
CA GLU A 141 -18.30 -9.27 -23.87
C GLU A 141 -16.92 -8.58 -23.75
N ASN A 142 -16.89 -7.26 -23.86
CA ASN A 142 -15.69 -6.45 -23.50
C ASN A 142 -15.50 -6.49 -21.97
N PHE A 143 -14.26 -6.26 -21.53
CA PHE A 143 -13.92 -6.12 -20.10
C PHE A 143 -14.89 -5.14 -19.45
N ASP A 144 -15.05 -3.98 -20.07
CA ASP A 144 -15.73 -2.84 -19.41
C ASP A 144 -17.18 -3.21 -19.15
N GLU A 145 -17.88 -3.79 -20.12
CA GLU A 145 -19.34 -4.05 -19.98
C GLU A 145 -19.58 -5.23 -19.03
N ALA A 146 -18.70 -6.21 -19.02
CA ALA A 146 -18.84 -7.42 -18.18
C ALA A 146 -18.59 -7.07 -16.72
N CYS A 147 -17.63 -6.18 -16.44
CA CYS A 147 -17.09 -6.05 -15.06
C CYS A 147 -17.59 -4.80 -14.33
N PHE A 148 -18.25 -3.85 -14.99
CA PHE A 148 -18.78 -2.61 -14.34
C PHE A 148 -20.20 -2.31 -14.86
N ALA A 149 -21.18 -2.23 -13.97
CA ALA A 149 -22.54 -1.77 -14.31
C ALA A 149 -22.48 -0.33 -14.81
N ASP A 150 -21.43 0.40 -14.42
CA ASP A 150 -21.25 1.83 -14.82
C ASP A 150 -21.32 1.92 -16.35
N THR A 151 -20.79 0.92 -17.07
CA THR A 151 -20.76 0.88 -18.55
C THR A 151 -22.18 0.99 -19.13
N ALA A 152 -23.12 0.19 -18.62
CA ALA A 152 -24.53 0.17 -19.08
C ALA A 152 -25.16 1.53 -18.79
N ILE A 153 -24.89 2.10 -17.62
CA ILE A 153 -25.47 3.39 -17.14
C ILE A 153 -24.99 4.53 -18.06
N MET A 154 -23.71 4.48 -18.41
CA MET A 154 -23.08 5.50 -19.28
C MET A 154 -23.66 5.40 -20.70
N ASN A 155 -23.76 4.18 -21.25
CA ASN A 155 -24.38 3.90 -22.57
C ASN A 155 -25.79 4.50 -22.63
N ALA A 156 -26.53 4.55 -21.53
CA ALA A 156 -27.90 5.12 -21.46
C ALA A 156 -27.87 6.59 -21.01
N LYS A 157 -26.70 7.18 -20.74
CA LYS A 157 -26.53 8.61 -20.35
C LYS A 157 -27.27 8.92 -19.06
N LYS A 158 -27.41 7.92 -18.19
CA LYS A 158 -28.07 8.08 -16.87
C LYS A 158 -27.07 8.67 -15.86
N ALA A 159 -27.58 9.37 -14.85
CA ALA A 159 -26.82 10.03 -13.77
C ALA A 159 -26.30 9.01 -12.78
N PRO A 160 -25.22 9.33 -12.03
CA PRO A 160 -24.72 8.43 -10.99
C PRO A 160 -25.44 8.58 -9.64
N ARG A 161 -26.43 9.48 -9.56
CA ARG A 161 -27.32 9.71 -8.39
C ARG A 161 -28.79 9.75 -8.86
N PHE A 162 -29.74 9.32 -8.01
CA PHE A 162 -31.20 9.51 -8.23
C PHE A 162 -31.57 10.97 -7.95
N LEU A 163 -32.79 11.39 -8.28
CA LEU A 163 -33.21 12.82 -8.18
C LEU A 163 -33.22 13.28 -6.71
N ASP A 164 -33.45 12.36 -5.76
CA ASP A 164 -33.46 12.66 -4.30
C ASP A 164 -32.02 12.59 -3.75
N MET A 165 -31.03 12.43 -4.65
CA MET A 165 -29.58 12.54 -4.38
C MET A 165 -29.03 11.29 -3.69
N ARG A 166 -29.73 10.15 -3.61
CA ARG A 166 -29.00 8.93 -3.15
C ARG A 166 -28.03 8.50 -4.26
N ARG A 167 -26.87 7.96 -3.87
CA ARG A 167 -25.76 7.56 -4.79
C ARG A 167 -26.10 6.19 -5.41
N ALA A 168 -25.87 6.05 -6.72
CA ALA A 168 -25.94 4.76 -7.46
C ALA A 168 -24.54 4.18 -7.68
N THR A 169 -23.58 5.00 -8.13
CA THR A 169 -22.20 4.55 -8.50
C THR A 169 -21.13 5.51 -7.98
N ASN A 170 -19.86 5.16 -8.18
CA ASN A 170 -18.72 6.09 -8.00
C ASN A 170 -18.74 7.10 -9.16
N TYR A 171 -18.27 8.33 -8.93
CA TYR A 171 -18.13 9.34 -10.00
C TYR A 171 -17.13 10.43 -9.60
N ALA A 172 -16.73 11.22 -10.60
CA ALA A 172 -15.92 12.44 -10.49
C ALA A 172 -16.69 13.57 -11.14
N TRP A 173 -16.01 14.67 -11.46
CA TRP A 173 -16.67 15.94 -11.84
C TRP A 173 -16.06 16.50 -13.11
N HIS A 174 -16.91 17.20 -13.85
CA HIS A 174 -16.57 18.15 -14.93
C HIS A 174 -16.91 19.54 -14.40
N PHE A 175 -16.14 20.57 -14.76
CA PHE A 175 -16.48 21.95 -14.33
C PHE A 175 -15.71 22.99 -15.14
N ASP A 176 -16.18 24.24 -15.02
CA ASP A 176 -15.48 25.46 -15.50
C ASP A 176 -14.32 25.72 -14.54
N ALA A 177 -13.09 25.66 -15.03
CA ALA A 177 -11.84 25.81 -14.26
C ALA A 177 -11.74 27.21 -13.64
N SER A 178 -12.10 28.23 -14.40
CA SER A 178 -11.99 29.64 -13.96
C SER A 178 -13.00 29.95 -12.84
N LYS A 179 -14.21 29.37 -12.90
CA LYS A 179 -15.25 29.54 -11.84
C LYS A 179 -14.84 28.81 -10.55
N VAL A 180 -14.18 27.66 -10.66
CA VAL A 180 -13.64 26.93 -9.47
C VAL A 180 -12.60 27.83 -8.79
N ALA A 181 -11.71 28.46 -9.57
CA ALA A 181 -10.67 29.38 -9.07
C ALA A 181 -11.34 30.55 -8.35
N ALA A 182 -12.29 31.21 -9.02
CA ALA A 182 -13.03 32.38 -8.48
C ALA A 182 -13.72 31.99 -7.17
N PHE A 183 -14.37 30.84 -7.13
CA PHE A 183 -15.11 30.35 -5.95
C PHE A 183 -14.14 30.16 -4.79
N LEU A 184 -12.98 29.59 -5.10
CA LEU A 184 -11.94 29.32 -4.08
C LEU A 184 -11.30 30.65 -3.61
N ARG A 185 -11.11 31.63 -4.50
CA ARG A 185 -10.57 32.97 -4.11
C ARG A 185 -11.51 33.55 -3.04
N ASN A 186 -12.79 33.60 -3.37
CA ASN A 186 -13.86 34.16 -2.51
C ASN A 186 -13.83 33.45 -1.16
N PHE A 187 -13.79 32.12 -1.16
CA PHE A 187 -13.71 31.32 0.08
C PHE A 187 -12.48 31.77 0.87
N ALA A 188 -11.29 31.80 0.25
CA ALA A 188 -9.99 31.98 0.94
C ALA A 188 -9.91 33.36 1.58
N VAL A 189 -10.39 34.38 0.86
CA VAL A 189 -10.38 35.81 1.28
C VAL A 189 -11.39 36.05 2.42
N THR A 190 -12.65 35.60 2.28
CA THR A 190 -13.78 35.92 3.21
C THR A 190 -13.80 34.98 4.42
N LYS A 191 -13.29 33.75 4.32
CA LYS A 191 -13.44 32.73 5.39
C LYS A 191 -12.10 32.32 6.01
N GLN A 192 -10.94 32.54 5.36
CA GLN A 192 -9.63 32.05 5.90
CA GLN A 192 -9.63 32.08 5.92
C GLN A 192 -8.59 33.21 5.89
N ALA A 193 -9.04 34.47 5.91
CA ALA A 193 -8.17 35.65 6.19
C ALA A 193 -6.94 35.69 5.26
N VAL A 194 -7.07 35.20 4.03
CA VAL A 194 -5.97 35.23 3.02
C VAL A 194 -5.90 36.64 2.42
N GLU A 195 -4.71 37.23 2.35
CA GLU A 195 -4.51 38.58 1.76
C GLU A 195 -4.27 38.44 0.25
N HIS A 196 -5.15 39.05 -0.54
CA HIS A 196 -5.13 39.01 -2.02
C HIS A 196 -4.46 40.30 -2.53
N VAL A 197 -3.29 40.16 -3.15
CA VAL A 197 -2.60 41.29 -3.82
C VAL A 197 -2.69 41.08 -5.33
N GLU A 198 -3.39 42.00 -6.00
CA GLU A 198 -3.59 42.02 -7.47
C GLU A 198 -2.51 42.89 -8.09
N ASP A 199 -1.40 42.29 -8.52
CA ASP A 199 -0.22 43.01 -9.06
C ASP A 199 0.68 41.97 -9.73
N GLU A 200 1.67 42.42 -10.52
CA GLU A 200 2.72 41.58 -11.14
C GLU A 200 3.96 41.54 -10.26
N MET A 201 4.55 40.36 -10.08
CA MET A 201 5.90 40.15 -9.50
C MET A 201 6.94 40.60 -10.54
N THR A 202 7.93 41.41 -10.12
CA THR A 202 9.06 41.91 -10.96
C THR A 202 10.39 41.44 -10.39
N GLU A 203 10.48 41.14 -9.10
CA GLU A 203 11.78 40.74 -8.48
C GLU A 203 11.52 39.68 -7.43
N VAL A 204 12.50 38.79 -7.30
CA VAL A 204 12.58 37.74 -6.29
C VAL A 204 13.84 38.03 -5.52
N LEU A 205 13.72 38.38 -4.24
CA LEU A 205 14.87 38.78 -3.37
C LEU A 205 15.32 37.60 -2.53
N THR A 206 16.64 37.38 -2.49
CA THR A 206 17.27 36.20 -1.85
C THR A 206 18.34 36.62 -0.85
N ASP A 207 18.57 35.78 0.15
CA ASP A 207 19.67 35.91 1.14
C ASP A 207 20.93 35.21 0.61
N GLU A 208 21.97 35.16 1.46
CA GLU A 208 23.33 34.67 1.13
C GLU A 208 23.26 33.19 0.69
N ARG A 209 22.29 32.43 1.19
CA ARG A 209 22.16 30.97 0.92
C ARG A 209 21.26 30.73 -0.30
N GLY A 210 20.75 31.78 -0.96
CA GLY A 210 19.80 31.65 -2.08
C GLY A 210 18.36 31.36 -1.62
N PHE A 211 18.06 31.48 -0.33
CA PHE A 211 16.65 31.40 0.17
C PHE A 211 15.92 32.69 -0.18
N ILE A 212 14.65 32.58 -0.58
CA ILE A 212 13.82 33.76 -0.95
C ILE A 212 13.43 34.46 0.34
N THR A 213 13.54 35.81 0.39
CA THR A 213 13.15 36.67 1.55
C THR A 213 11.89 37.46 1.21
N ALA A 214 11.63 37.72 -0.07
CA ALA A 214 10.46 38.53 -0.46
C ALA A 214 10.32 38.55 -1.97
N LEU A 215 9.13 38.90 -2.45
CA LEU A 215 8.86 39.28 -3.86
C LEU A 215 8.58 40.79 -3.91
N ARG A 216 9.11 41.47 -4.93
CA ARG A 216 8.67 42.84 -5.28
C ARG A 216 7.59 42.76 -6.37
N THR A 217 6.58 43.62 -6.25
CA THR A 217 5.51 43.85 -7.25
C THR A 217 5.84 45.07 -8.12
N LYS A 218 5.22 45.12 -9.31
CA LYS A 218 5.31 46.22 -10.31
C LYS A 218 5.10 47.58 -9.62
N SER A 219 4.17 47.69 -8.68
CA SER A 219 3.78 48.96 -8.00
C SER A 219 4.81 49.33 -6.92
N GLY A 220 5.86 48.52 -6.71
CA GLY A 220 6.97 48.83 -5.82
C GLY A 220 6.85 48.16 -4.47
N ARG A 221 5.69 47.56 -4.18
CA ARG A 221 5.42 46.92 -2.88
C ARG A 221 6.27 45.66 -2.76
N ILE A 222 6.76 45.38 -1.56
CA ILE A 222 7.62 44.23 -1.25
C ILE A 222 6.85 43.32 -0.29
N LEU A 223 6.58 42.06 -0.68
CA LEU A 223 5.92 41.05 0.19
C LEU A 223 6.98 40.11 0.80
N GLN A 224 7.25 40.28 2.07
CA GLN A 224 8.20 39.43 2.84
C GLN A 224 7.52 38.08 3.13
N GLY A 225 8.32 37.03 3.30
CA GLY A 225 7.79 35.72 3.66
C GLY A 225 8.90 34.79 4.02
N ASP A 226 8.53 33.65 4.61
CA ASP A 226 9.47 32.59 5.06
C ASP A 226 9.37 31.38 4.13
N LEU A 227 8.23 31.22 3.45
CA LEU A 227 7.94 30.07 2.55
C LEU A 227 7.18 30.62 1.36
N PHE A 228 7.63 30.26 0.17
CA PHE A 228 7.08 30.73 -1.11
C PHE A 228 6.56 29.50 -1.83
N VAL A 229 5.37 29.59 -2.36
CA VAL A 229 4.79 28.50 -3.17
C VAL A 229 4.72 29.05 -4.58
N ASP A 230 5.42 28.40 -5.51
CA ASP A 230 5.37 28.80 -6.94
C ASP A 230 4.15 28.15 -7.61
N CYS A 231 3.09 28.90 -7.78
CA CYS A 231 1.93 28.50 -8.63
C CYS A 231 1.86 29.40 -9.86
N SER A 232 3.01 29.77 -10.46
CA SER A 232 3.10 30.78 -11.57
C SER A 232 2.79 30.14 -12.90
N GLY A 233 2.66 28.81 -12.95
CA GLY A 233 2.33 28.09 -14.19
C GLY A 233 3.58 27.58 -14.89
N PHE A 234 3.48 27.30 -16.17
CA PHE A 234 4.60 26.78 -17.00
C PHE A 234 5.85 27.65 -16.83
N ARG A 235 5.69 28.97 -16.66
CA ARG A 235 6.82 29.94 -16.54
C ARG A 235 7.74 29.54 -15.38
N GLY A 236 7.19 29.05 -14.27
CA GLY A 236 7.99 28.63 -13.10
C GLY A 236 8.92 29.73 -12.62
N LEU A 237 8.37 30.93 -12.45
CA LEU A 237 9.12 32.19 -12.17
C LEU A 237 9.97 32.03 -10.91
N LEU A 238 9.57 31.18 -9.94
CA LEU A 238 10.39 30.99 -8.71
C LEU A 238 11.24 29.73 -8.83
N ILE A 239 10.62 28.59 -9.16
CA ILE A 239 11.33 27.28 -9.07
C ILE A 239 12.38 27.21 -10.19
N ASN A 240 12.04 27.60 -11.41
CA ASN A 240 12.94 27.44 -12.59
C ASN A 240 13.82 28.70 -12.76
N LYS A 241 13.23 29.90 -12.79
CA LYS A 241 13.94 31.19 -13.07
C LYS A 241 14.77 31.61 -11.85
N ALA A 242 14.15 32.10 -10.79
CA ALA A 242 14.91 32.63 -9.63
C ALA A 242 15.75 31.50 -9.05
N MET A 243 15.19 30.30 -8.80
CA MET A 243 15.91 29.24 -8.06
C MET A 243 16.81 28.43 -9.02
N GLU A 244 16.60 28.51 -10.34
CA GLU A 244 17.45 27.85 -11.37
C GLU A 244 17.35 26.31 -11.27
N GLU A 245 16.25 25.78 -10.74
CA GLU A 245 16.01 24.31 -10.76
C GLU A 245 15.66 23.90 -12.19
N PRO A 246 16.45 22.98 -12.78
CA PRO A 246 16.16 22.46 -14.12
C PRO A 246 14.86 21.65 -14.17
N PHE A 247 14.13 21.82 -15.27
CA PHE A 247 12.95 21.01 -15.65
C PHE A 247 13.45 19.83 -16.49
N ILE A 248 13.14 18.60 -16.08
CA ILE A 248 13.44 17.35 -16.85
C ILE A 248 12.34 17.16 -17.90
N ASP A 249 12.62 17.50 -19.15
CA ASP A 249 11.70 17.31 -20.31
C ASP A 249 11.52 15.81 -20.56
N MET A 250 10.31 15.35 -20.81
CA MET A 250 10.03 13.89 -20.94
C MET A 250 9.19 13.61 -22.21
N SER A 251 9.42 14.37 -23.27
CA SER A 251 8.86 14.13 -24.62
C SER A 251 9.44 12.85 -25.23
N ASP A 252 10.42 12.20 -24.58
CA ASP A 252 10.91 10.85 -24.95
C ASP A 252 9.99 9.77 -24.36
N HIS A 253 8.95 10.14 -23.59
CA HIS A 253 7.92 9.22 -23.05
C HIS A 253 6.52 9.53 -23.60
N LEU A 254 6.25 10.78 -23.94
CA LEU A 254 4.93 11.25 -24.46
C LEU A 254 5.17 12.41 -25.42
N LEU A 255 4.41 12.49 -26.51
CA LEU A 255 4.78 13.27 -27.72
C LEU A 255 4.00 14.57 -27.76
N CYS A 256 2.76 14.56 -27.29
CA CYS A 256 1.90 15.75 -27.35
C CYS A 256 2.52 16.87 -26.52
N ASN A 257 2.37 18.10 -27.01
CA ASN A 257 3.04 19.28 -26.40
C ASN A 257 2.22 20.54 -26.70
N SER A 258 0.99 20.39 -27.22
CA SER A 258 0.18 21.53 -27.69
C SER A 258 -1.30 21.15 -27.57
N ALA A 259 -2.18 22.14 -27.46
CA ALA A 259 -3.63 21.95 -27.53
C ALA A 259 -4.28 23.20 -28.12
N VAL A 260 -5.38 22.99 -28.82
CA VAL A 260 -6.31 24.05 -29.26
C VAL A 260 -7.68 23.69 -28.71
N ALA A 261 -8.28 24.61 -27.96
CA ALA A 261 -9.50 24.38 -27.14
C ALA A 261 -10.54 25.45 -27.42
N THR A 262 -11.80 25.07 -27.31
CA THR A 262 -12.95 26.01 -27.29
C THR A 262 -14.03 25.37 -26.44
N ALA A 263 -15.12 26.10 -26.23
CA ALA A 263 -16.37 25.64 -25.59
C ALA A 263 -17.45 25.67 -26.67
N VAL A 264 -18.24 24.61 -26.79
CA VAL A 264 -19.15 24.36 -27.93
C VAL A 264 -20.57 24.30 -27.37
N PRO A 265 -21.48 25.22 -27.76
CA PRO A 265 -22.84 25.19 -27.23
C PRO A 265 -23.52 23.88 -27.69
N HIS A 266 -24.45 23.36 -26.90
CA HIS A 266 -24.95 21.96 -27.04
C HIS A 266 -26.45 21.92 -26.77
N ASP A 267 -27.20 21.28 -27.68
CA ASP A 267 -28.63 20.99 -27.47
C ASP A 267 -28.73 19.80 -26.50
N ASP A 268 -28.84 20.11 -25.20
CA ASP A 268 -28.97 19.12 -24.11
C ASP A 268 -30.34 18.42 -24.18
N GLU A 269 -31.39 19.18 -24.52
CA GLU A 269 -32.78 18.66 -24.67
C GLU A 269 -32.81 17.54 -25.73
N LYS A 270 -32.14 17.76 -26.86
CA LYS A 270 -32.09 16.81 -28.01
C LYS A 270 -31.22 15.60 -27.65
N ASN A 271 -29.91 15.82 -27.43
CA ASN A 271 -28.83 14.79 -27.42
C ASN A 271 -28.67 14.11 -26.05
N GLY A 272 -29.25 14.68 -24.99
CA GLY A 272 -28.92 14.31 -23.59
C GLY A 272 -27.53 14.82 -23.20
N VAL A 273 -27.08 14.51 -21.98
CA VAL A 273 -25.71 14.88 -21.51
C VAL A 273 -24.97 13.59 -21.14
N GLU A 274 -23.80 13.36 -21.73
CA GLU A 274 -22.93 12.22 -21.38
C GLU A 274 -22.32 12.43 -19.98
N PRO A 275 -22.56 11.50 -19.03
CA PRO A 275 -21.86 11.50 -17.75
C PRO A 275 -20.45 10.90 -17.86
N TYR A 276 -19.64 11.42 -18.77
CA TYR A 276 -18.25 10.94 -18.96
C TYR A 276 -17.49 11.93 -19.84
N THR A 277 -16.16 11.84 -19.75
CA THR A 277 -15.20 12.52 -20.65
C THR A 277 -14.97 11.58 -21.84
N SER A 278 -14.96 12.11 -23.06
CA SER A 278 -14.59 11.35 -24.28
C SER A 278 -13.18 11.75 -24.69
N SER A 279 -12.33 10.77 -24.95
CA SER A 279 -10.99 10.95 -25.56
C SER A 279 -11.06 10.42 -26.99
N ILE A 280 -11.27 11.34 -27.94
CA ILE A 280 -11.54 11.06 -29.36
C ILE A 280 -10.23 11.08 -30.12
N ALA A 281 -9.76 9.93 -30.60
CA ALA A 281 -8.47 9.82 -31.30
C ALA A 281 -8.50 10.66 -32.59
N MET A 282 -7.36 11.26 -32.91
CA MET A 282 -7.15 12.15 -34.08
C MET A 282 -5.92 11.66 -34.84
N GLU A 283 -5.51 12.35 -35.90
CA GLU A 283 -4.38 11.90 -36.76
C GLU A 283 -3.06 12.16 -36.03
N ALA A 284 -2.96 13.26 -35.29
CA ALA A 284 -1.70 13.70 -34.63
C ALA A 284 -1.89 13.87 -33.13
N GLY A 285 -2.89 13.20 -32.54
CA GLY A 285 -3.14 13.15 -31.09
C GLY A 285 -4.57 12.75 -30.78
N TRP A 286 -5.28 13.54 -29.97
CA TRP A 286 -6.65 13.22 -29.52
C TRP A 286 -7.36 14.50 -29.09
N THR A 287 -8.66 14.40 -28.88
CA THR A 287 -9.54 15.55 -28.59
C THR A 287 -10.41 15.18 -27.40
N TRP A 288 -10.46 16.04 -26.39
CA TRP A 288 -11.27 15.79 -25.17
C TRP A 288 -12.65 16.34 -25.42
N LYS A 289 -13.64 15.75 -24.76
CA LYS A 289 -15.01 16.30 -24.68
C LYS A 289 -15.42 16.22 -23.21
N ILE A 290 -15.73 17.37 -22.62
CA ILE A 290 -16.08 17.55 -21.19
C ILE A 290 -17.44 18.23 -21.14
N PRO A 291 -18.55 17.45 -21.11
CA PRO A 291 -19.90 18.00 -21.07
C PRO A 291 -20.21 18.65 -19.73
N MET A 292 -20.94 19.77 -19.81
CA MET A 292 -21.60 20.50 -18.71
C MET A 292 -22.97 20.91 -19.23
N LEU A 293 -23.82 21.51 -18.39
CA LEU A 293 -25.15 22.01 -18.82
C LEU A 293 -24.94 23.12 -19.84
N GLY A 294 -25.54 22.98 -21.03
CA GLY A 294 -25.56 24.03 -22.07
C GLY A 294 -24.38 23.97 -23.03
N ARG A 295 -23.32 23.24 -22.70
CA ARG A 295 -22.09 23.24 -23.52
C ARG A 295 -21.15 22.10 -23.10
N PHE A 296 -20.16 21.81 -23.93
CA PHE A 296 -19.02 20.93 -23.59
C PHE A 296 -17.73 21.66 -23.93
N GLY A 297 -16.75 21.58 -23.04
CA GLY A 297 -15.36 21.96 -23.33
C GLY A 297 -14.75 20.90 -24.21
N SER A 298 -14.02 21.32 -25.24
CA SER A 298 -13.26 20.41 -26.12
C SER A 298 -11.88 20.98 -26.39
N GLY A 299 -10.92 20.12 -26.63
CA GLY A 299 -9.58 20.52 -27.04
C GLY A 299 -8.86 19.38 -27.72
N HIS A 300 -8.31 19.66 -28.91
CA HIS A 300 -7.42 18.72 -29.64
C HIS A 300 -6.02 18.85 -29.03
N VAL A 301 -5.56 17.80 -28.39
CA VAL A 301 -4.17 17.67 -27.88
C VAL A 301 -3.35 17.07 -29.02
N TYR A 302 -2.15 17.60 -29.28
CA TYR A 302 -1.34 17.23 -30.48
C TYR A 302 0.15 17.48 -30.25
N SER A 303 1.00 16.77 -31.00
CA SER A 303 2.45 17.06 -31.14
C SER A 303 2.63 18.06 -32.30
N ASP A 304 3.30 19.19 -32.04
CA ASP A 304 3.55 20.24 -33.05
C ASP A 304 4.67 19.75 -33.99
N HIS A 305 5.39 18.68 -33.61
CA HIS A 305 6.33 17.94 -34.49
C HIS A 305 5.60 17.10 -35.56
N PHE A 306 4.27 16.91 -35.50
CA PHE A 306 3.49 16.04 -36.43
C PHE A 306 2.26 16.76 -36.97
N ALA A 307 1.95 17.94 -36.43
CA ALA A 307 0.91 18.84 -36.99
C ALA A 307 1.27 20.28 -36.67
N THR A 308 1.02 21.20 -37.60
CA THR A 308 1.13 22.66 -37.38
C THR A 308 -0.14 23.10 -36.66
N GLN A 309 -0.05 24.24 -35.97
CA GLN A 309 -1.20 24.86 -35.29
C GLN A 309 -2.41 24.90 -36.24
N ASP A 310 -2.21 25.33 -37.48
CA ASP A 310 -3.31 25.51 -38.46
C ASP A 310 -3.94 24.14 -38.78
N GLU A 311 -3.12 23.11 -38.98
CA GLU A 311 -3.58 21.73 -39.32
C GLU A 311 -4.46 21.17 -38.19
N ALA A 312 -3.98 21.26 -36.95
CA ALA A 312 -4.68 20.82 -35.72
C ALA A 312 -5.99 21.59 -35.57
N THR A 313 -5.97 22.90 -35.81
CA THR A 313 -7.16 23.78 -35.64
C THR A 313 -8.25 23.37 -36.63
N LEU A 314 -7.88 23.04 -37.87
CA LEU A 314 -8.81 22.64 -38.97
C LEU A 314 -9.44 21.29 -38.63
N ALA A 315 -8.64 20.29 -38.26
CA ALA A 315 -9.09 18.92 -37.95
C ALA A 315 -10.04 18.97 -36.73
N PHE A 316 -9.72 19.83 -35.76
CA PHE A 316 -10.51 20.05 -34.52
C PHE A 316 -11.85 20.68 -34.91
N SER A 317 -11.82 21.70 -35.76
CA SER A 317 -13.01 22.39 -36.31
C SER A 317 -13.87 21.39 -37.13
N LYS A 318 -13.25 20.61 -38.02
CA LYS A 318 -13.96 19.60 -38.86
C LYS A 318 -14.70 18.62 -37.94
N LEU A 319 -14.00 18.15 -36.90
CA LEU A 319 -14.56 17.17 -35.94
C LEU A 319 -15.94 17.63 -35.46
N TRP A 320 -16.09 18.89 -35.05
CA TRP A 320 -17.36 19.42 -34.46
C TRP A 320 -18.18 20.21 -35.50
N GLY A 321 -17.71 20.27 -36.75
CA GLY A 321 -18.28 21.08 -37.84
C GLY A 321 -18.33 22.55 -37.48
N LEU A 322 -17.24 23.09 -36.92
CA LEU A 322 -17.11 24.50 -36.51
C LEU A 322 -16.55 25.29 -37.69
N ASP A 323 -16.97 26.55 -37.81
CA ASP A 323 -16.41 27.54 -38.76
C ASP A 323 -15.10 28.03 -38.15
N PRO A 324 -13.91 27.69 -38.72
CA PRO A 324 -12.63 28.06 -38.12
C PRO A 324 -12.34 29.57 -37.95
N ASP A 325 -13.21 30.46 -38.44
CA ASP A 325 -12.95 31.93 -38.46
C ASP A 325 -14.00 32.71 -37.66
N ASN A 326 -15.20 32.14 -37.45
CA ASN A 326 -16.20 32.67 -36.47
C ASN A 326 -16.28 31.75 -35.25
N THR A 327 -15.10 31.31 -34.77
CA THR A 327 -14.89 30.44 -33.57
C THR A 327 -13.68 30.96 -32.78
N GLU A 328 -13.87 31.23 -31.48
CA GLU A 328 -12.79 31.64 -30.54
C GLU A 328 -12.02 30.41 -30.05
N PHE A 329 -10.68 30.40 -30.20
CA PHE A 329 -9.78 29.27 -29.85
C PHE A 329 -8.71 29.71 -28.84
N ASN A 330 -8.52 28.96 -27.76
CA ASN A 330 -7.41 29.09 -26.77
CA ASN A 330 -7.41 29.10 -26.79
C ASN A 330 -6.30 28.12 -27.21
N HIS A 331 -5.14 28.64 -27.60
CA HIS A 331 -3.96 27.85 -28.04
C HIS A 331 -2.96 27.80 -26.89
N VAL A 332 -2.42 26.62 -26.60
CA VAL A 332 -1.48 26.38 -25.47
C VAL A 332 -0.38 25.53 -26.05
N ARG A 333 0.85 25.83 -25.68
CA ARG A 333 2.05 24.96 -25.81
C ARG A 333 2.36 24.58 -24.37
N PHE A 334 2.69 23.32 -24.08
CA PHE A 334 2.94 22.90 -22.68
C PHE A 334 4.24 22.12 -22.56
N ARG A 335 4.83 22.21 -21.38
CA ARG A 335 5.96 21.36 -20.95
C ARG A 335 5.38 19.97 -20.69
N VAL A 336 6.12 18.91 -20.99
CA VAL A 336 5.83 17.57 -20.45
C VAL A 336 7.04 17.10 -19.65
N GLY A 337 6.81 16.81 -18.38
CA GLY A 337 7.82 16.33 -17.45
C GLY A 337 7.65 17.00 -16.11
N ARG A 338 8.70 16.99 -15.29
CA ARG A 338 8.69 17.55 -13.93
C ARG A 338 10.02 18.26 -13.64
N ASN A 339 10.02 19.12 -12.62
CA ASN A 339 11.27 19.71 -12.08
C ASN A 339 12.13 18.56 -11.55
N ARG A 340 13.44 18.69 -11.66
CA ARG A 340 14.39 17.76 -11.02
C ARG A 340 13.97 17.60 -9.56
N ARG A 341 13.73 18.71 -8.88
CA ARG A 341 13.18 18.76 -7.49
C ARG A 341 12.00 19.72 -7.49
N ALA A 342 10.85 19.32 -6.91
CA ALA A 342 9.65 20.18 -6.83
C ALA A 342 9.86 21.29 -5.78
N TRP A 343 10.63 21.00 -4.74
CA TRP A 343 10.84 21.89 -3.57
C TRP A 343 12.34 22.08 -3.42
N VAL A 344 12.81 23.32 -3.62
CA VAL A 344 14.22 23.77 -3.49
C VAL A 344 14.24 24.92 -2.47
N ARG A 345 15.05 24.74 -1.45
CA ARG A 345 15.24 25.74 -0.37
C ARG A 345 13.85 26.03 0.24
N ASN A 346 13.32 27.25 0.12
CA ASN A 346 12.02 27.64 0.75
C ASN A 346 11.03 27.97 -0.36
N CYS A 347 11.27 27.39 -1.54
CA CYS A 347 10.40 27.47 -2.75
C CYS A 347 9.79 26.09 -3.06
N VAL A 348 8.47 25.96 -2.98
CA VAL A 348 7.68 24.73 -3.28
C VAL A 348 6.85 24.98 -4.53
N SER A 349 7.09 24.20 -5.60
CA SER A 349 6.29 24.30 -6.86
C SER A 349 5.06 23.39 -6.72
N VAL A 350 3.94 23.87 -7.23
CA VAL A 350 2.59 23.26 -7.17
C VAL A 350 1.96 23.62 -8.51
N GLY A 351 1.26 22.68 -9.16
CA GLY A 351 0.55 22.94 -10.44
C GLY A 351 1.51 22.84 -11.62
N LEU A 352 1.20 23.58 -12.68
CA LEU A 352 1.97 23.59 -13.93
C LEU A 352 3.43 24.02 -13.68
N ALA A 353 3.73 24.74 -12.59
CA ALA A 353 5.12 25.16 -12.26
C ALA A 353 5.91 23.94 -11.80
N SER A 354 5.23 22.89 -11.33
CA SER A 354 5.85 21.66 -10.79
C SER A 354 6.09 20.68 -11.93
N CYS A 355 5.03 20.29 -12.60
CA CYS A 355 5.00 19.07 -13.46
C CYS A 355 3.68 19.00 -14.23
N PHE A 356 3.68 18.22 -15.30
CA PHE A 356 2.52 18.14 -16.23
C PHE A 356 2.66 16.95 -17.19
N VAL A 357 1.50 16.39 -17.53
CA VAL A 357 1.30 15.41 -18.63
C VAL A 357 0.02 15.84 -19.34
N GLU A 358 -0.19 15.36 -20.57
CA GLU A 358 -1.48 15.58 -21.28
C GLU A 358 -2.63 15.22 -20.33
N PRO A 359 -3.78 15.90 -20.45
CA PRO A 359 -4.94 15.64 -19.60
C PRO A 359 -5.76 14.39 -19.97
N LEU A 360 -5.05 13.34 -20.39
CA LEU A 360 -5.65 12.12 -20.97
C LEU A 360 -6.44 11.35 -19.90
N GLU A 361 -6.04 11.45 -18.63
CA GLU A 361 -6.74 10.79 -17.50
C GLU A 361 -7.00 11.77 -16.34
N SER A 362 -7.09 13.08 -16.63
CA SER A 362 -7.60 14.11 -15.69
C SER A 362 -6.74 14.12 -14.42
N SER A 363 -5.43 14.25 -14.59
CA SER A 363 -4.40 14.10 -13.54
C SER A 363 -3.93 15.47 -12.98
N GLY A 364 -4.22 16.61 -13.63
CA GLY A 364 -3.67 17.94 -13.28
C GLY A 364 -4.04 18.41 -11.87
N ILE A 365 -5.34 18.55 -11.61
CA ILE A 365 -5.88 19.08 -10.32
C ILE A 365 -5.56 18.09 -9.21
N TYR A 366 -5.50 16.79 -9.52
CA TYR A 366 -5.05 15.74 -8.56
C TYR A 366 -3.59 15.99 -8.15
N PHE A 367 -2.70 16.34 -9.09
CA PHE A 367 -1.28 16.69 -8.80
C PHE A 367 -1.24 17.87 -7.81
N ILE A 368 -2.15 18.84 -7.96
CA ILE A 368 -2.23 20.02 -7.07
C ILE A 368 -2.62 19.56 -5.65
N TYR A 369 -3.76 18.88 -5.46
CA TYR A 369 -4.26 18.43 -4.14
CA TYR A 369 -4.17 18.58 -4.06
C TYR A 369 -3.24 17.50 -3.48
N ALA A 370 -2.60 16.66 -4.29
CA ALA A 370 -1.63 15.71 -3.74
C ALA A 370 -0.43 16.48 -3.18
N ALA A 371 0.11 17.43 -3.94
CA ALA A 371 1.25 18.29 -3.52
C ALA A 371 0.87 19.06 -2.24
N ILE A 372 -0.27 19.74 -2.25
CA ILE A 372 -0.72 20.56 -1.09
C ILE A 372 -0.79 19.67 0.15
N HIS A 373 -1.43 18.51 0.01
CA HIS A 373 -1.57 17.53 1.11
C HIS A 373 -0.17 17.19 1.61
N MET A 374 0.76 16.91 0.71
CA MET A 374 2.12 16.47 1.10
C MET A 374 2.89 17.64 1.76
N LEU A 375 2.66 18.88 1.29
CA LEU A 375 3.25 20.12 1.88
C LEU A 375 2.75 20.30 3.32
N ALA A 376 1.44 20.22 3.55
CA ALA A 376 0.81 20.24 4.90
C ALA A 376 1.49 19.20 5.80
N LYS A 377 1.69 17.97 5.30
CA LYS A 377 2.29 16.88 6.11
C LYS A 377 3.78 17.14 6.38
N HIS A 378 4.50 17.67 5.41
CA HIS A 378 5.97 17.91 5.47
C HIS A 378 6.27 19.39 5.80
N PHE A 379 5.31 20.12 6.38
CA PHE A 379 5.41 21.59 6.56
C PHE A 379 6.62 21.87 7.43
N PRO A 380 7.52 22.76 6.98
CA PRO A 380 8.81 22.97 7.65
C PRO A 380 8.72 24.00 8.78
N ASP A 381 9.78 24.16 9.57
CA ASP A 381 10.07 25.42 10.29
C ASP A 381 11.23 26.09 9.55
N LYS A 382 11.79 27.18 10.07
CA LYS A 382 12.79 28.00 9.32
C LYS A 382 14.14 27.25 9.18
N THR A 383 14.38 26.18 9.92
CA THR A 383 15.59 25.31 9.72
C THR A 383 15.49 24.50 8.42
N PHE A 384 14.30 24.44 7.78
CA PHE A 384 14.06 23.69 6.52
C PHE A 384 14.81 22.35 6.53
N ASP A 385 14.51 21.47 7.50
CA ASP A 385 15.18 20.14 7.62
C ASP A 385 15.20 19.50 6.21
N LYS A 386 16.39 19.17 5.73
CA LYS A 386 16.61 18.66 4.35
C LYS A 386 15.89 17.33 4.15
N VAL A 387 15.74 16.52 5.19
CA VAL A 387 14.99 15.24 5.15
C VAL A 387 13.51 15.50 4.86
N LEU A 388 12.87 16.51 5.49
CA LEU A 388 11.45 16.85 5.14
C LEU A 388 11.36 17.15 3.65
N VAL A 389 12.27 17.98 3.14
CA VAL A 389 12.25 18.46 1.73
C VAL A 389 12.45 17.26 0.79
N ASP A 390 13.41 16.38 1.09
CA ASP A 390 13.72 15.17 0.30
C ASP A 390 12.48 14.26 0.25
N ARG A 391 11.84 13.97 1.40
CA ARG A 391 10.66 13.06 1.41
C ARG A 391 9.55 13.67 0.58
N PHE A 392 9.37 14.99 0.62
CA PHE A 392 8.30 15.63 -0.17
C PHE A 392 8.62 15.37 -1.64
N ASN A 393 9.85 15.65 -2.02
CA ASN A 393 10.31 15.59 -3.41
C ASN A 393 10.11 14.17 -3.96
N ARG A 394 10.41 13.16 -3.15
CA ARG A 394 10.32 11.72 -3.49
C ARG A 394 8.86 11.36 -3.77
N GLU A 395 7.93 11.81 -2.93
CA GLU A 395 6.48 11.59 -3.15
C GLU A 395 6.07 12.19 -4.49
N ILE A 396 6.51 13.41 -4.79
CA ILE A 396 6.06 14.10 -6.02
C ILE A 396 6.60 13.32 -7.22
N GLU A 397 7.83 12.82 -7.15
CA GLU A 397 8.52 12.23 -8.33
C GLU A 397 7.89 10.85 -8.64
N GLU A 398 7.61 10.03 -7.61
CA GLU A 398 6.90 8.74 -7.77
C GLU A 398 5.47 8.97 -8.26
N MET A 399 4.74 9.92 -7.69
CA MET A 399 3.35 10.19 -8.11
C MET A 399 3.38 10.51 -9.61
N PHE A 400 4.23 11.43 -10.03
CA PHE A 400 4.32 11.87 -11.45
C PHE A 400 4.74 10.70 -12.35
N ASP A 401 5.80 9.97 -12.00
CA ASP A 401 6.43 8.97 -12.89
C ASP A 401 5.46 7.77 -13.04
N ASP A 402 4.78 7.39 -11.97
CA ASP A 402 3.67 6.42 -12.01
C ASP A 402 2.65 6.83 -13.09
N THR A 403 2.15 8.06 -13.04
CA THR A 403 1.05 8.53 -13.91
C THR A 403 1.59 8.66 -15.33
N ARG A 404 2.84 9.10 -15.50
CA ARG A 404 3.48 9.27 -16.84
C ARG A 404 3.49 7.93 -17.58
N ASP A 405 4.03 6.90 -16.93
CA ASP A 405 4.08 5.50 -17.40
C ASP A 405 2.68 5.03 -17.78
N PHE A 406 1.69 5.19 -16.90
CA PHE A 406 0.30 4.74 -17.15
C PHE A 406 -0.20 5.37 -18.45
N LEU A 407 0.13 6.65 -18.67
CA LEU A 407 -0.30 7.40 -19.87
C LEU A 407 0.39 6.86 -21.12
N GLN A 408 1.68 6.56 -21.02
CA GLN A 408 2.54 6.11 -22.15
C GLN A 408 1.91 4.83 -22.72
N ALA A 409 1.48 3.92 -21.82
CA ALA A 409 0.78 2.65 -22.09
C ALA A 409 -0.43 2.88 -23.00
N HIS A 410 -1.17 3.98 -22.84
CA HIS A 410 -2.33 4.33 -23.69
C HIS A 410 -1.90 4.46 -25.16
N TYR A 411 -0.64 4.84 -25.43
CA TYR A 411 -0.11 5.15 -26.79
C TYR A 411 0.67 3.95 -27.35
N TYR A 412 1.55 3.39 -26.53
CA TYR A 412 2.48 2.33 -26.93
C TYR A 412 1.74 1.05 -27.35
N PHE A 413 0.50 0.84 -26.87
CA PHE A 413 -0.29 -0.39 -27.11
C PHE A 413 -1.54 -0.04 -27.93
N SER A 414 -1.69 1.18 -28.43
CA SER A 414 -2.58 1.47 -29.58
C SER A 414 -2.02 0.68 -30.76
N PRO A 415 -2.82 -0.13 -31.49
CA PRO A 415 -2.32 -0.83 -32.67
C PRO A 415 -2.24 0.08 -33.92
N ARG A 416 -2.68 1.36 -33.81
CA ARG A 416 -2.73 2.33 -34.93
C ARG A 416 -1.31 2.63 -35.43
N VAL A 417 -1.16 2.59 -36.76
CA VAL A 417 0.09 2.83 -37.51
C VAL A 417 -0.22 3.65 -38.74
N ASP A 418 -1.42 4.19 -38.87
CA ASP A 418 -1.87 4.93 -40.08
C ASP A 418 -1.25 6.34 -40.25
N THR A 419 -0.64 6.94 -39.22
CA THR A 419 0.00 8.29 -39.36
C THR A 419 1.40 8.24 -38.76
N PRO A 420 2.31 9.17 -39.13
CA PRO A 420 3.65 9.19 -38.55
C PRO A 420 3.58 9.39 -37.02
N PHE A 421 2.60 10.17 -36.53
CA PHE A 421 2.31 10.30 -35.07
C PHE A 421 2.14 8.92 -34.41
N TRP A 422 1.14 8.15 -34.85
CA TRP A 422 0.79 6.84 -34.23
C TRP A 422 1.98 5.88 -34.31
N ARG A 423 2.73 5.89 -35.41
CA ARG A 423 3.96 5.08 -35.58
C ARG A 423 5.04 5.59 -34.61
N ALA A 424 5.19 6.92 -34.47
CA ALA A 424 6.29 7.54 -33.68
C ALA A 424 6.18 7.08 -32.21
N ASN A 425 4.95 6.95 -31.72
CA ASN A 425 4.66 6.43 -30.37
C ASN A 425 5.37 5.10 -30.14
N LYS A 426 5.39 4.20 -31.12
CA LYS A 426 5.98 2.83 -30.97
C LYS A 426 7.51 2.90 -30.92
N GLU A 427 8.10 4.04 -31.32
CA GLU A 427 9.59 4.20 -31.37
C GLU A 427 10.13 4.61 -30.00
N LEU A 428 9.27 5.17 -29.13
CA LEU A 428 9.67 5.63 -27.77
C LEU A 428 9.93 4.43 -26.86
N LYS A 429 10.85 4.56 -25.92
CA LYS A 429 11.17 3.46 -24.99
C LYS A 429 10.18 3.55 -23.81
N LEU A 430 9.65 2.40 -23.41
CA LEU A 430 8.88 2.23 -22.17
C LEU A 430 9.84 2.34 -20.99
N ALA A 431 9.43 2.98 -19.90
CA ALA A 431 10.15 2.93 -18.62
C ALA A 431 10.11 1.49 -18.08
N ASP A 432 11.12 1.13 -17.30
CA ASP A 432 11.30 -0.19 -16.69
C ASP A 432 10.05 -0.58 -15.90
N SER A 433 9.50 0.31 -15.08
CA SER A 433 8.41 -0.05 -14.13
C SER A 433 7.19 -0.48 -14.95
N ILE A 434 6.93 0.15 -16.10
CA ILE A 434 5.74 -0.17 -16.93
C ILE A 434 5.99 -1.43 -17.78
N LYS A 435 7.24 -1.71 -18.14
CA LYS A 435 7.59 -2.97 -18.83
C LYS A 435 7.33 -4.13 -17.87
N ASP A 436 7.73 -3.96 -16.61
CA ASP A 436 7.62 -5.00 -15.56
C ASP A 436 6.14 -5.31 -15.34
N LYS A 437 5.29 -4.27 -15.33
CA LYS A 437 3.83 -4.40 -15.10
C LYS A 437 3.19 -5.09 -16.31
N VAL A 438 3.62 -4.75 -17.53
CA VAL A 438 3.13 -5.40 -18.78
C VAL A 438 3.41 -6.91 -18.72
N GLU A 439 4.62 -7.31 -18.39
CA GLU A 439 5.06 -8.72 -18.28
C GLU A 439 4.20 -9.41 -17.20
N THR A 440 3.84 -8.71 -16.12
CA THR A 440 3.02 -9.29 -15.02
C THR A 440 1.62 -9.58 -15.62
N TYR A 441 1.02 -8.57 -16.26
CA TYR A 441 -0.29 -8.64 -16.90
C TYR A 441 -0.34 -9.80 -17.91
N ARG A 442 0.70 -9.91 -18.74
CA ARG A 442 0.82 -10.86 -19.85
C ARG A 442 0.87 -12.30 -19.31
N ALA A 443 1.37 -12.53 -18.10
CA ALA A 443 1.37 -13.85 -17.44
C ALA A 443 0.01 -14.18 -16.79
N GLY A 444 -0.97 -13.28 -16.86
CA GLY A 444 -2.29 -13.43 -16.22
C GLY A 444 -2.31 -12.96 -14.76
N LEU A 445 -1.20 -12.47 -14.20
CA LEU A 445 -1.14 -11.95 -12.80
C LEU A 445 -1.79 -10.58 -12.71
N PRO A 446 -2.38 -10.23 -11.54
CA PRO A 446 -2.88 -8.88 -11.30
C PRO A 446 -1.72 -7.87 -11.18
N VAL A 447 -2.00 -6.63 -11.56
CA VAL A 447 -1.08 -5.46 -11.50
C VAL A 447 -1.63 -4.48 -10.46
N ASN A 448 -0.88 -4.18 -9.38
CA ASN A 448 -1.27 -3.18 -8.34
C ASN A 448 -2.68 -3.49 -7.81
N LEU A 449 -2.84 -4.64 -7.18
CA LEU A 449 -4.13 -5.08 -6.59
C LEU A 449 -4.58 -4.03 -5.58
N PRO A 450 -5.82 -3.47 -5.64
CA PRO A 450 -6.25 -2.44 -4.68
C PRO A 450 -6.25 -2.95 -3.23
N VAL A 451 -6.05 -2.04 -2.27
CA VAL A 451 -5.62 -2.38 -0.87
C VAL A 451 -6.84 -2.41 0.06
N THR A 452 -7.52 -1.28 0.27
CA THR A 452 -8.79 -1.15 1.04
C THR A 452 -9.97 -1.46 0.12
N ASP A 453 -11.21 -1.26 0.59
CA ASP A 453 -12.43 -1.11 -0.24
C ASP A 453 -12.65 0.40 -0.44
N GLU A 454 -13.75 0.81 -1.10
CA GLU A 454 -14.14 2.25 -1.24
C GLU A 454 -14.27 2.84 0.18
N GLY A 455 -13.15 3.32 0.76
CA GLY A 455 -13.03 3.80 2.15
C GLY A 455 -11.84 3.18 2.86
N ASN A 460 -10.53 8.46 3.24
CA ASN A 460 -9.13 8.09 3.58
C ASN A 460 -8.26 8.24 2.32
N PHE A 461 -7.69 9.43 2.11
CA PHE A 461 -6.94 9.80 0.86
C PHE A 461 -5.61 9.05 0.77
N GLU A 462 -4.72 9.22 1.76
CA GLU A 462 -3.38 8.58 1.81
C GLU A 462 -3.49 7.11 1.38
N ALA A 463 -4.60 6.46 1.75
CA ALA A 463 -4.93 5.03 1.48
C ALA A 463 -5.28 4.79 0.00
N GLU A 464 -5.08 5.78 -0.87
CA GLU A 464 -5.28 5.68 -2.35
C GLU A 464 -4.06 6.22 -3.11
N PHE A 465 -3.38 7.23 -2.56
CA PHE A 465 -2.27 7.99 -3.20
C PHE A 465 -1.07 7.08 -3.51
N ARG A 466 -0.90 5.97 -2.79
CA ARG A 466 0.35 5.17 -2.81
C ARG A 466 0.61 4.73 -4.27
N ASN A 467 -0.17 3.76 -4.72
CA ASN A 467 -0.28 3.37 -6.15
C ASN A 467 -1.72 3.74 -6.52
N PHE A 468 -1.89 4.82 -7.29
CA PHE A 468 -3.22 5.41 -7.63
C PHE A 468 -3.89 4.59 -8.73
N TRP A 469 -3.10 3.98 -9.63
CA TRP A 469 -3.60 3.17 -10.78
C TRP A 469 -3.58 1.69 -10.39
N THR A 470 -4.76 1.12 -10.19
CA THR A 470 -4.94 -0.28 -9.69
C THR A 470 -5.15 -1.23 -10.87
N ASN A 471 -5.15 -2.54 -10.58
CA ASN A 471 -5.46 -3.65 -11.50
C ASN A 471 -6.59 -3.29 -12.47
N GLY A 472 -7.73 -2.81 -11.98
CA GLY A 472 -8.91 -2.48 -12.83
C GLY A 472 -8.58 -1.48 -13.92
N SER A 473 -7.75 -0.49 -13.61
CA SER A 473 -7.37 0.60 -14.54
C SER A 473 -6.41 0.07 -15.61
N TYR A 474 -5.47 -0.79 -15.24
CA TYR A 474 -4.54 -1.46 -16.19
C TYR A 474 -5.38 -2.32 -17.13
N TYR A 475 -6.36 -3.07 -16.61
CA TYR A 475 -7.25 -3.94 -17.44
C TYR A 475 -8.04 -3.02 -18.37
N CYS A 476 -8.56 -1.89 -17.89
CA CYS A 476 -9.40 -1.01 -18.74
C CYS A 476 -8.62 -0.57 -19.98
N ILE A 477 -7.33 -0.29 -19.81
CA ILE A 477 -6.49 0.31 -20.89
C ILE A 477 -5.87 -0.80 -21.74
N PHE A 478 -5.17 -1.76 -21.14
CA PHE A 478 -4.60 -2.91 -21.89
C PHE A 478 -5.72 -3.61 -22.67
N ALA A 479 -6.77 -4.07 -22.00
CA ALA A 479 -7.80 -4.91 -22.66
C ALA A 479 -8.61 -4.04 -23.61
N GLY A 480 -8.83 -2.78 -23.27
CA GLY A 480 -9.55 -1.82 -24.12
C GLY A 480 -8.81 -1.63 -25.45
N LEU A 481 -7.49 -1.63 -25.40
CA LEU A 481 -6.64 -1.40 -26.60
C LEU A 481 -6.41 -2.72 -27.35
N GLY A 482 -6.72 -3.86 -26.73
CA GLY A 482 -6.64 -5.19 -27.34
C GLY A 482 -5.40 -5.94 -26.90
N LEU A 483 -4.63 -5.44 -25.93
CA LEU A 483 -3.56 -6.27 -25.35
C LEU A 483 -4.20 -7.16 -24.27
N MET A 484 -4.01 -8.47 -24.38
CA MET A 484 -4.62 -9.49 -23.50
C MET A 484 -3.49 -10.22 -22.82
N PRO A 485 -3.71 -10.86 -21.66
CA PRO A 485 -2.75 -11.85 -21.17
C PRO A 485 -2.54 -12.92 -22.25
N ARG A 486 -1.38 -13.56 -22.22
CA ARG A 486 -0.98 -14.65 -23.13
C ARG A 486 -1.88 -15.84 -22.84
N ASN A 487 -2.25 -16.05 -21.56
CA ASN A 487 -3.09 -17.17 -21.08
C ASN A 487 -3.81 -16.72 -19.83
N PRO A 488 -4.92 -17.37 -19.45
CA PRO A 488 -5.55 -17.10 -18.16
C PRO A 488 -4.59 -17.30 -16.99
N LEU A 489 -4.92 -16.68 -15.85
CA LEU A 489 -4.25 -17.00 -14.56
C LEU A 489 -4.34 -18.51 -14.35
N PRO A 490 -3.21 -19.24 -14.42
CA PRO A 490 -3.20 -20.69 -14.23
C PRO A 490 -3.96 -21.24 -13.00
N ALA A 491 -4.06 -20.50 -11.91
CA ALA A 491 -4.75 -20.98 -10.68
C ALA A 491 -6.23 -21.25 -10.98
N LEU A 492 -6.79 -20.56 -11.98
CA LEU A 492 -8.24 -20.70 -12.30
C LEU A 492 -8.53 -22.11 -12.85
N ALA A 493 -7.56 -22.77 -13.46
CA ALA A 493 -7.67 -24.16 -13.96
C ALA A 493 -7.99 -25.12 -12.79
N TYR A 494 -7.71 -24.74 -11.54
CA TYR A 494 -7.87 -25.64 -10.37
C TYR A 494 -9.05 -25.23 -9.48
N LYS A 495 -9.89 -24.29 -9.93
CA LYS A 495 -10.85 -23.59 -9.03
C LYS A 495 -12.24 -23.52 -9.67
N PRO A 496 -12.91 -24.67 -9.94
CA PRO A 496 -14.25 -24.65 -10.52
C PRO A 496 -15.31 -23.97 -9.65
N GLN A 497 -15.22 -24.12 -8.34
CA GLN A 497 -16.15 -23.42 -7.42
C GLN A 497 -15.97 -21.90 -7.51
N SER A 498 -14.74 -21.43 -7.76
CA SER A 498 -14.43 -19.98 -7.86
C SER A 498 -14.93 -19.47 -9.22
N ILE A 499 -14.77 -20.24 -10.31
CA ILE A 499 -15.39 -19.90 -11.63
C ILE A 499 -16.89 -19.60 -11.40
N ALA A 500 -17.59 -20.50 -10.70
CA ALA A 500 -19.05 -20.45 -10.50
C ALA A 500 -19.40 -19.24 -9.64
N GLU A 501 -18.65 -18.99 -8.57
CA GLU A 501 -18.86 -17.80 -7.70
C GLU A 501 -18.77 -16.54 -8.58
N ALA A 502 -17.82 -16.51 -9.54
CA ALA A 502 -17.60 -15.35 -10.43
C ALA A 502 -18.81 -15.12 -11.35
N GLU A 503 -19.47 -16.20 -11.79
CA GLU A 503 -20.71 -16.17 -12.61
C GLU A 503 -21.79 -15.40 -11.86
N LEU A 504 -21.95 -15.62 -10.55
CA LEU A 504 -22.91 -14.81 -9.74
C LEU A 504 -22.50 -13.34 -9.81
N LEU A 505 -21.20 -13.00 -9.76
CA LEU A 505 -20.80 -11.56 -9.75
C LEU A 505 -21.12 -10.94 -11.13
N PHE A 506 -20.90 -11.69 -12.23
CA PHE A 506 -21.20 -11.21 -13.60
C PHE A 506 -22.69 -10.92 -13.69
N ALA A 507 -23.52 -11.80 -13.11
CA ALA A 507 -24.99 -11.68 -13.10
C ALA A 507 -25.40 -10.48 -12.26
N ASP A 508 -24.75 -10.25 -11.11
CA ASP A 508 -25.01 -9.07 -10.23
C ASP A 508 -24.75 -7.77 -11.01
N VAL A 509 -23.67 -7.72 -11.80
CA VAL A 509 -23.31 -6.52 -12.63
C VAL A 509 -24.43 -6.27 -13.66
N LYS A 510 -24.83 -7.30 -14.40
CA LYS A 510 -25.95 -7.24 -15.41
C LYS A 510 -27.22 -6.73 -14.73
N ARG A 511 -27.63 -7.33 -13.60
CA ARG A 511 -28.89 -6.99 -12.88
C ARG A 511 -28.84 -5.53 -12.41
N LYS A 512 -27.74 -5.11 -11.79
CA LYS A 512 -27.56 -3.71 -11.29
C LYS A 512 -27.67 -2.74 -12.48
N GLY A 513 -26.97 -3.04 -13.59
CA GLY A 513 -27.05 -2.25 -14.82
C GLY A 513 -28.48 -2.13 -15.34
N ASP A 514 -29.16 -3.26 -15.55
CA ASP A 514 -30.54 -3.29 -16.08
C ASP A 514 -31.44 -2.50 -15.15
N THR A 515 -31.40 -2.79 -13.84
CA THR A 515 -32.26 -2.13 -12.83
C THR A 515 -32.01 -0.63 -12.90
N LEU A 516 -30.74 -0.21 -12.79
CA LEU A 516 -30.39 1.23 -12.68
C LEU A 516 -30.65 1.94 -14.01
N VAL A 517 -30.41 1.28 -15.15
CA VAL A 517 -30.68 1.91 -16.49
C VAL A 517 -32.17 2.26 -16.57
N GLU A 518 -33.03 1.53 -15.87
CA GLU A 518 -34.50 1.79 -15.81
C GLU A 518 -34.84 2.87 -14.78
N SER A 519 -34.32 2.80 -13.56
CA SER A 519 -34.79 3.65 -12.44
C SER A 519 -34.13 5.04 -12.45
N LEU A 520 -32.91 5.19 -12.97
CA LEU A 520 -32.11 6.44 -12.79
C LEU A 520 -32.68 7.55 -13.66
N PRO A 521 -32.52 8.83 -13.24
CA PRO A 521 -32.81 9.95 -14.13
C PRO A 521 -31.69 10.10 -15.16
N SER A 522 -31.97 10.77 -16.28
CA SER A 522 -30.94 11.18 -17.26
C SER A 522 -30.01 12.17 -16.56
N THR A 523 -28.75 12.21 -16.99
CA THR A 523 -27.77 13.21 -16.48
C THR A 523 -28.39 14.61 -16.64
N TYR A 524 -29.00 14.87 -17.81
CA TYR A 524 -29.70 16.14 -18.15
C TYR A 524 -30.68 16.50 -17.02
N ASP A 525 -31.54 15.57 -16.65
CA ASP A 525 -32.60 15.81 -15.64
C ASP A 525 -31.96 16.06 -14.26
N LEU A 526 -30.94 15.29 -13.87
CA LEU A 526 -30.25 15.53 -12.58
C LEU A 526 -29.58 16.91 -12.59
N LEU A 527 -28.91 17.27 -13.69
CA LEU A 527 -28.23 18.58 -13.80
C LEU A 527 -29.28 19.70 -13.67
N ARG A 528 -30.39 19.60 -14.41
CA ARG A 528 -31.49 20.61 -14.45
C ARG A 528 -32.06 20.82 -13.03
N GLN A 529 -32.25 19.75 -12.25
CA GLN A 529 -32.64 19.87 -10.83
C GLN A 529 -31.55 20.61 -10.06
N LEU A 530 -30.31 20.12 -10.13
CA LEU A 530 -29.15 20.63 -9.35
C LEU A 530 -29.00 22.16 -9.52
N HIS A 531 -28.94 22.66 -10.76
CA HIS A 531 -28.67 24.09 -11.10
C HIS A 531 -29.96 24.93 -11.13
N GLY A 532 -30.97 24.59 -10.31
CA GLY A 532 -32.24 25.33 -10.21
C GLY A 532 -33.11 25.14 -11.45
N ASP B 5 -5.09 -31.27 -21.04
CA ASP B 5 -4.85 -31.11 -19.58
C ASP B 5 -3.34 -30.89 -19.36
N ASN B 6 -2.95 -29.62 -19.18
CA ASN B 6 -1.56 -29.20 -18.90
C ASN B 6 -1.36 -29.01 -17.39
N ARG B 7 -2.40 -29.23 -16.58
CA ARG B 7 -2.40 -28.94 -15.13
C ARG B 7 -1.49 -29.88 -14.35
N ILE B 8 -1.00 -29.39 -13.22
CA ILE B 8 -0.40 -30.19 -12.11
C ILE B 8 -1.49 -31.18 -11.68
N LYS B 9 -1.13 -32.45 -11.51
CA LYS B 9 -2.11 -33.50 -11.11
C LYS B 9 -1.79 -33.99 -9.71
N THR B 10 -0.51 -34.12 -9.39
CA THR B 10 -0.05 -34.59 -8.03
C THR B 10 0.92 -33.58 -7.44
N VAL B 11 0.67 -33.16 -6.20
CA VAL B 11 1.63 -32.35 -5.40
C VAL B 11 2.16 -33.25 -4.30
N VAL B 12 3.47 -33.35 -4.20
CA VAL B 12 4.15 -34.07 -3.10
C VAL B 12 4.81 -33.04 -2.20
N ILE B 13 4.53 -33.13 -0.90
CA ILE B 13 5.09 -32.26 0.17
C ILE B 13 6.05 -33.13 0.98
N LEU B 14 7.34 -32.79 0.97
CA LEU B 14 8.35 -33.45 1.83
C LEU B 14 8.41 -32.70 3.17
N GLY B 15 8.01 -33.37 4.25
CA GLY B 15 8.09 -32.85 5.63
C GLY B 15 6.73 -32.74 6.27
N GLY B 16 6.61 -33.13 7.54
CA GLY B 16 5.36 -33.17 8.31
C GLY B 16 5.48 -32.38 9.61
N GLY B 17 6.20 -31.25 9.58
CA GLY B 17 6.17 -30.23 10.64
C GLY B 17 5.02 -29.27 10.41
N THR B 18 5.05 -28.12 11.08
CA THR B 18 4.01 -27.08 10.92
C THR B 18 3.97 -26.68 9.45
N ALA B 19 5.12 -26.59 8.77
CA ALA B 19 5.19 -26.10 7.37
C ALA B 19 4.43 -27.09 6.43
N GLY B 20 4.74 -28.38 6.52
CA GLY B 20 4.14 -29.41 5.64
C GLY B 20 2.63 -29.51 5.78
N TRP B 21 2.13 -29.58 7.01
CA TRP B 21 0.69 -29.76 7.30
C TRP B 21 -0.07 -28.46 7.04
N MET B 22 0.52 -27.30 7.31
CA MET B 22 -0.09 -26.01 6.89
C MET B 22 -0.19 -25.99 5.36
N THR B 23 0.86 -26.42 4.65
CA THR B 23 0.87 -26.44 3.17
C THR B 23 -0.22 -27.42 2.66
N ALA B 24 -0.29 -28.62 3.21
CA ALA B 24 -1.26 -29.65 2.78
C ALA B 24 -2.69 -29.14 3.00
N ALA B 25 -2.99 -28.65 4.20
CA ALA B 25 -4.34 -28.15 4.55
C ALA B 25 -4.72 -27.00 3.62
N TYR B 26 -3.83 -26.04 3.39
CA TYR B 26 -4.17 -24.82 2.63
C TYR B 26 -4.39 -25.21 1.16
N LEU B 27 -3.46 -25.96 0.58
CA LEU B 27 -3.52 -26.35 -0.85
C LEU B 27 -4.76 -27.24 -1.07
N GLY B 28 -5.10 -28.07 -0.08
CA GLY B 28 -6.33 -28.87 -0.07
C GLY B 28 -7.55 -28.03 -0.37
N LYS B 29 -7.69 -26.90 0.34
CA LYS B 29 -8.82 -25.94 0.17
C LYS B 29 -8.67 -25.21 -1.16
N ALA B 30 -7.49 -24.62 -1.42
CA ALA B 30 -7.26 -23.76 -2.60
C ALA B 30 -7.53 -24.52 -3.91
N LEU B 31 -7.15 -25.80 -3.99
CA LEU B 31 -7.12 -26.57 -5.26
C LEU B 31 -8.39 -27.42 -5.42
N GLN B 32 -9.33 -27.35 -4.48
CA GLN B 32 -10.75 -27.71 -4.73
C GLN B 32 -10.81 -29.16 -5.27
N ASN B 33 -9.99 -30.04 -4.73
CA ASN B 33 -9.90 -31.49 -5.07
C ASN B 33 -9.63 -31.70 -6.57
N THR B 34 -8.90 -30.80 -7.24
CA THR B 34 -8.48 -31.01 -8.65
C THR B 34 -7.13 -31.69 -8.69
N VAL B 35 -6.50 -31.87 -7.52
CA VAL B 35 -5.07 -32.22 -7.43
C VAL B 35 -4.91 -33.22 -6.28
N LYS B 36 -4.13 -34.28 -6.51
CA LYS B 36 -3.74 -35.23 -5.46
C LYS B 36 -2.63 -34.57 -4.64
N ILE B 37 -2.76 -34.59 -3.30
CA ILE B 37 -1.76 -34.04 -2.36
C ILE B 37 -1.23 -35.18 -1.49
N VAL B 38 0.09 -35.31 -1.47
CA VAL B 38 0.80 -36.33 -0.64
C VAL B 38 1.77 -35.61 0.29
N VAL B 39 1.73 -35.97 1.57
CA VAL B 39 2.75 -35.59 2.58
C VAL B 39 3.59 -36.83 2.93
N LEU B 40 4.88 -36.76 2.65
CA LEU B 40 5.92 -37.73 3.06
C LEU B 40 6.68 -37.15 4.27
N GLU B 41 6.56 -37.77 5.43
CA GLU B 41 7.31 -37.37 6.65
C GLU B 41 7.80 -38.62 7.38
N ALA B 42 9.05 -38.62 7.85
CA ALA B 42 9.62 -39.67 8.72
C ALA B 42 9.24 -39.36 10.14
N PRO B 43 8.46 -40.20 10.85
CA PRO B 43 8.22 -39.98 12.28
C PRO B 43 9.54 -39.94 13.08
N THR B 44 10.58 -40.63 12.57
CA THR B 44 11.92 -40.82 13.20
C THR B 44 12.84 -39.59 13.03
N ILE B 45 12.54 -38.68 12.11
CA ILE B 45 13.27 -37.37 11.97
C ILE B 45 12.39 -36.27 12.59
N PRO B 46 12.62 -35.84 13.84
CA PRO B 46 11.67 -35.00 14.58
C PRO B 46 11.45 -33.59 13.98
N ARG B 47 10.27 -33.00 14.27
CA ARG B 47 9.93 -31.56 14.08
C ARG B 47 10.96 -30.70 14.82
N ILE B 48 11.22 -29.47 14.34
CA ILE B 48 12.10 -28.50 15.06
C ILE B 48 11.55 -28.31 16.49
N GLY B 49 10.23 -28.46 16.67
CA GLY B 49 9.57 -28.67 17.97
C GLY B 49 9.13 -27.36 18.61
N VAL B 50 9.81 -26.28 18.24
CA VAL B 50 9.52 -24.87 18.67
C VAL B 50 8.72 -24.19 17.54
N GLY B 51 8.38 -22.92 17.70
CA GLY B 51 7.45 -22.18 16.82
C GLY B 51 6.10 -22.01 17.50
N GLU B 52 6.05 -21.20 18.57
CA GLU B 52 4.95 -21.22 19.57
C GLU B 52 4.25 -19.86 19.72
N ALA B 53 4.75 -18.76 19.13
CA ALA B 53 4.04 -17.45 19.14
C ALA B 53 3.79 -16.96 17.70
N THR B 54 2.77 -16.15 17.51
CA THR B 54 2.32 -15.68 16.17
C THR B 54 2.00 -14.18 16.16
N VAL B 55 1.55 -13.71 15.00
CA VAL B 55 1.04 -12.33 14.77
C VAL B 55 -0.45 -12.42 14.46
N PRO B 56 -1.18 -11.30 14.58
CA PRO B 56 -2.65 -11.31 14.55
C PRO B 56 -3.37 -11.71 13.25
N ASN B 57 -2.72 -11.62 12.07
CA ASN B 57 -3.36 -12.02 10.77
C ASN B 57 -3.50 -13.55 10.66
N LEU B 58 -2.96 -14.34 11.59
CA LEU B 58 -3.02 -15.83 11.51
C LEU B 58 -4.46 -16.33 11.33
N GLN B 59 -5.43 -15.77 12.04
CA GLN B 59 -6.84 -16.27 11.96
C GLN B 59 -7.43 -15.86 10.61
N ARG B 60 -7.25 -14.59 10.23
CA ARG B 60 -7.79 -14.03 8.97
C ARG B 60 -7.23 -14.83 7.80
N ALA B 61 -5.89 -14.92 7.70
CA ALA B 61 -5.12 -15.33 6.50
C ALA B 61 -5.05 -16.85 6.38
N PHE B 62 -5.34 -17.61 7.44
CA PHE B 62 -5.10 -19.09 7.45
C PHE B 62 -6.36 -19.86 7.89
N PHE B 63 -6.70 -19.87 9.19
CA PHE B 63 -7.78 -20.71 9.75
C PHE B 63 -9.15 -20.33 9.16
N ASP B 64 -9.35 -19.08 8.75
CA ASP B 64 -10.61 -18.58 8.11
C ASP B 64 -10.72 -19.11 6.68
N TYR B 65 -9.60 -19.21 5.93
CA TYR B 65 -9.56 -19.76 4.56
C TYR B 65 -9.93 -21.25 4.61
N LEU B 66 -9.55 -21.94 5.69
CA LEU B 66 -9.89 -23.37 5.94
C LEU B 66 -11.27 -23.49 6.58
N GLY B 67 -11.91 -22.36 6.91
CA GLY B 67 -13.21 -22.33 7.63
C GLY B 67 -13.13 -23.01 8.98
N ILE B 68 -11.99 -22.93 9.67
CA ILE B 68 -11.85 -23.44 11.06
C ILE B 68 -12.06 -22.26 12.00
N PRO B 69 -13.01 -22.34 12.96
CA PRO B 69 -13.23 -21.25 13.91
C PRO B 69 -12.14 -21.17 15.00
N GLU B 70 -11.78 -19.95 15.40
CA GLU B 70 -10.70 -19.64 16.37
C GLU B 70 -10.75 -20.61 17.56
N GLU B 71 -11.92 -20.79 18.19
CA GLU B 71 -12.09 -21.60 19.44
C GLU B 71 -11.72 -23.07 19.20
N GLU B 72 -12.04 -23.60 18.01
CA GLU B 72 -11.86 -25.05 17.69
C GLU B 72 -10.38 -25.41 17.72
N TRP B 73 -9.51 -24.64 17.04
CA TRP B 73 -8.05 -24.95 16.94
C TRP B 73 -7.34 -24.63 18.26
N MET B 74 -7.72 -23.52 18.91
CA MET B 74 -7.11 -23.09 20.20
C MET B 74 -7.27 -24.22 21.21
N ARG B 75 -8.48 -24.79 21.30
CA ARG B 75 -8.82 -25.90 22.25
C ARG B 75 -7.91 -27.11 22.01
N GLU B 76 -7.49 -27.35 20.77
CA GLU B 76 -6.74 -28.58 20.39
C GLU B 76 -5.24 -28.40 20.61
N CYS B 77 -4.72 -27.18 20.72
CA CYS B 77 -3.25 -26.96 20.85
C CYS B 77 -2.88 -26.17 22.11
N ASN B 78 -3.75 -26.15 23.12
CA ASN B 78 -3.52 -25.47 24.43
C ASN B 78 -3.10 -24.01 24.18
N ALA B 79 -3.81 -23.33 23.29
CA ALA B 79 -3.44 -21.97 22.83
C ALA B 79 -3.81 -20.94 23.91
N SER B 80 -3.03 -19.87 23.97
CA SER B 80 -3.24 -18.71 24.87
C SER B 80 -3.13 -17.45 24.02
N TYR B 81 -3.41 -16.30 24.66
CA TYR B 81 -3.51 -14.96 24.03
C TYR B 81 -2.15 -14.24 24.16
N LYS B 82 -1.77 -13.55 23.09
CA LYS B 82 -0.55 -12.70 22.96
C LYS B 82 -0.96 -11.30 22.50
N MET B 83 -0.89 -10.31 23.38
CA MET B 83 -1.27 -8.92 23.05
C MET B 83 -0.02 -8.11 22.65
N ALA B 84 1.18 -8.65 22.87
CA ALA B 84 2.44 -7.96 22.56
C ALA B 84 3.64 -8.89 22.71
N VAL B 85 4.78 -8.40 22.26
CA VAL B 85 6.12 -8.81 22.75
C VAL B 85 6.54 -7.74 23.78
N LYS B 86 6.92 -8.17 24.98
CA LYS B 86 7.38 -7.31 26.10
C LYS B 86 8.90 -7.45 26.22
N PHE B 87 9.64 -6.36 25.98
CA PHE B 87 11.12 -6.33 26.02
C PHE B 87 11.58 -5.97 27.44
N ILE B 88 12.44 -6.82 28.00
CA ILE B 88 12.97 -6.72 29.39
C ILE B 88 14.50 -6.70 29.36
N ASN B 89 15.08 -5.63 29.93
CA ASN B 89 16.53 -5.46 30.21
C ASN B 89 17.31 -5.27 28.91
N TRP B 90 16.66 -4.75 27.87
CA TRP B 90 17.31 -4.50 26.55
C TRP B 90 18.14 -3.20 26.58
N ARG B 91 18.02 -2.41 27.64
CA ARG B 91 18.72 -1.10 27.72
C ARG B 91 19.79 -1.09 28.83
N THR B 92 19.77 -2.04 29.76
CA THR B 92 20.63 -2.05 30.97
C THR B 92 21.57 -3.26 30.95
N PRO B 93 22.83 -3.09 31.42
CA PRO B 93 23.84 -4.14 31.35
C PRO B 93 23.65 -5.24 32.42
N GLY B 94 24.25 -6.42 32.21
CA GLY B 94 24.37 -7.47 33.25
C GLY B 94 23.84 -8.83 32.82
N GLU B 95 23.95 -9.79 33.74
CA GLU B 95 23.46 -11.19 33.62
C GLU B 95 21.99 -11.19 33.24
N GLY B 96 21.51 -12.29 32.68
CA GLY B 96 20.07 -12.53 32.46
C GLY B 96 19.34 -12.62 33.79
N SER B 97 18.29 -11.82 33.97
CA SER B 97 17.25 -11.96 35.01
C SER B 97 15.88 -11.77 34.37
N PRO B 98 14.83 -12.51 34.80
CA PRO B 98 13.45 -12.24 34.38
C PRO B 98 12.89 -10.93 34.96
N ASP B 99 13.61 -10.34 35.93
CA ASP B 99 13.14 -9.12 36.65
C ASP B 99 13.79 -7.92 35.98
N PRO B 100 12.99 -6.88 35.68
CA PRO B 100 13.55 -5.70 35.02
C PRO B 100 14.48 -4.94 35.97
N ARG B 101 15.68 -4.64 35.50
CA ARG B 101 16.61 -3.68 36.12
C ARG B 101 15.99 -2.29 36.07
N THR B 102 16.68 -1.30 36.61
CA THR B 102 16.20 0.09 36.77
C THR B 102 17.02 0.95 35.81
N LEU B 103 16.34 1.74 34.98
CA LEU B 103 16.99 2.68 34.03
C LEU B 103 17.61 3.84 34.82
N ASP B 104 18.54 4.54 34.18
CA ASP B 104 19.13 5.83 34.63
C ASP B 104 18.04 6.74 35.22
N ASP B 105 16.84 6.78 34.60
CA ASP B 105 15.78 7.78 34.91
C ASP B 105 14.85 7.28 36.03
N GLY B 106 15.07 6.07 36.54
CA GLY B 106 14.34 5.56 37.71
C GLY B 106 13.22 4.59 37.36
N HIS B 107 12.74 4.54 36.10
CA HIS B 107 11.67 3.55 35.77
CA HIS B 107 11.68 3.60 35.65
C HIS B 107 12.28 2.20 35.38
N THR B 108 11.43 1.17 35.35
CA THR B 108 11.76 -0.24 35.00
C THR B 108 12.24 -0.31 33.54
N ASP B 109 13.23 -1.17 33.24
CA ASP B 109 13.68 -1.44 31.84
C ASP B 109 12.72 -2.45 31.20
N THR B 110 11.49 -2.01 30.92
CA THR B 110 10.48 -2.76 30.12
C THR B 110 9.86 -1.77 29.14
N PHE B 111 9.65 -2.24 27.91
CA PHE B 111 8.76 -1.61 26.91
C PHE B 111 7.98 -2.70 26.17
N HIS B 112 6.79 -2.33 25.68
CA HIS B 112 5.87 -3.25 24.98
C HIS B 112 5.85 -2.90 23.49
N HIS B 113 5.66 -3.93 22.66
CA HIS B 113 5.27 -3.87 21.24
C HIS B 113 3.89 -4.52 21.13
N PRO B 114 2.80 -3.78 21.38
CA PRO B 114 1.45 -4.33 21.24
C PRO B 114 0.91 -4.23 19.81
N PHE B 115 -0.21 -4.91 19.57
CA PHE B 115 -0.85 -5.01 18.23
C PHE B 115 -2.00 -4.02 18.11
N GLY B 116 -2.58 -3.51 19.20
CA GLY B 116 -3.60 -2.42 19.14
C GLY B 116 -3.22 -1.37 18.08
N LEU B 117 -4.17 -0.82 17.32
CA LEU B 117 -3.84 0.21 16.29
C LEU B 117 -3.88 1.60 16.96
N LEU B 118 -3.06 2.53 16.48
CA LEU B 118 -2.96 3.88 17.08
C LEU B 118 -4.09 4.70 16.51
N PRO B 119 -4.89 5.41 17.34
CA PRO B 119 -5.83 6.38 16.81
C PRO B 119 -5.01 7.57 16.27
N SER B 120 -5.66 8.44 15.52
CA SER B 120 -5.00 9.59 14.91
C SER B 120 -5.88 10.83 15.14
N ALA B 121 -5.31 12.03 15.03
CA ALA B 121 -6.09 13.29 15.00
C ALA B 121 -5.52 14.15 13.89
N ASP B 122 -6.38 14.70 13.05
CA ASP B 122 -6.03 15.52 11.87
C ASP B 122 -5.01 14.72 11.03
N GLN B 123 -5.28 13.42 10.87
CA GLN B 123 -4.54 12.48 9.99
C GLN B 123 -3.13 12.23 10.53
N ILE B 124 -2.87 12.51 11.81
CA ILE B 124 -1.53 12.30 12.44
C ILE B 124 -1.69 11.28 13.56
N PRO B 125 -0.90 10.20 13.57
CA PRO B 125 -1.05 9.18 14.59
C PRO B 125 -0.62 9.70 15.97
N LEU B 126 -1.22 9.12 17.00
CA LEU B 126 -1.06 9.53 18.40
C LEU B 126 0.42 9.49 18.77
N SER B 127 1.18 8.59 18.17
CA SER B 127 2.65 8.44 18.36
C SER B 127 3.31 9.83 18.31
N HIS B 128 2.89 10.66 17.36
CA HIS B 128 3.58 11.92 17.01
C HIS B 128 3.25 13.01 18.05
N TYR B 129 2.05 12.96 18.62
CA TYR B 129 1.59 13.89 19.67
C TYR B 129 2.31 13.54 20.96
N TRP B 130 2.46 12.24 21.21
CA TRP B 130 3.27 11.75 22.35
C TRP B 130 4.70 12.26 22.23
N ALA B 131 5.31 12.15 21.06
CA ALA B 131 6.74 12.44 20.84
C ALA B 131 6.99 13.94 21.02
N ALA B 132 6.03 14.79 20.61
CA ALA B 132 6.08 16.26 20.76
C ALA B 132 6.19 16.62 22.24
N LYS B 133 5.22 16.17 23.02
CA LYS B 133 5.14 16.40 24.49
C LYS B 133 6.41 15.86 25.16
N ARG B 134 6.92 14.70 24.77
CA ARG B 134 8.09 14.07 25.45
C ARG B 134 9.38 14.86 25.12
N LEU B 135 9.56 15.30 23.87
CA LEU B 135 10.76 16.07 23.43
C LEU B 135 10.75 17.48 24.02
N GLN B 136 9.58 17.97 24.47
CA GLN B 136 9.38 19.34 24.98
C GLN B 136 9.23 19.31 26.52
N GLY B 137 9.45 18.18 27.19
CA GLY B 137 9.30 18.01 28.65
C GLY B 137 7.85 18.05 29.16
N GLU B 138 6.84 18.09 28.28
CA GLU B 138 5.42 18.19 28.72
C GLU B 138 4.84 16.83 29.15
N THR B 139 5.57 15.70 29.10
CA THR B 139 5.03 14.42 29.68
C THR B 139 6.18 13.56 30.18
N ASP B 140 5.91 12.68 31.14
CA ASP B 140 6.85 11.69 31.70
C ASP B 140 6.34 10.26 31.40
N GLU B 141 5.19 10.13 30.72
CA GLU B 141 4.69 8.79 30.29
C GLU B 141 5.57 8.23 29.16
N ASN B 142 5.80 6.93 29.17
CA ASN B 142 6.41 6.18 28.04
C ASN B 142 5.41 6.12 26.88
N PHE B 143 5.92 5.90 25.67
CA PHE B 143 5.09 5.73 24.45
C PHE B 143 4.01 4.66 24.70
N ASP B 144 4.42 3.47 25.18
CA ASP B 144 3.50 2.31 25.24
C ASP B 144 2.35 2.61 26.22
N GLU B 145 2.63 3.19 27.40
CA GLU B 145 1.59 3.45 28.43
C GLU B 145 0.65 4.58 27.97
N ALA B 146 1.18 5.61 27.29
CA ALA B 146 0.38 6.78 26.87
C ALA B 146 -0.55 6.39 25.71
N CYS B 147 -0.09 5.54 24.79
CA CYS B 147 -0.72 5.43 23.45
C CYS B 147 -1.55 4.14 23.27
N PHE B 148 -1.44 3.16 24.15
CA PHE B 148 -2.20 1.89 24.05
C PHE B 148 -2.83 1.51 25.41
N ALA B 149 -4.14 1.38 25.47
CA ALA B 149 -4.85 0.78 26.63
C ALA B 149 -4.36 -0.66 26.84
N ASP B 150 -3.87 -1.31 25.79
CA ASP B 150 -3.35 -2.70 25.84
C ASP B 150 -2.29 -2.80 26.93
N THR B 151 -1.46 -1.77 27.11
CA THR B 151 -0.36 -1.74 28.11
C THR B 151 -0.94 -1.94 29.53
N ALA B 152 -2.00 -1.23 29.88
CA ALA B 152 -2.63 -1.30 31.22
C ALA B 152 -3.19 -2.72 31.40
N ILE B 153 -3.84 -3.25 30.35
CA ILE B 153 -4.49 -4.59 30.35
C ILE B 153 -3.42 -5.67 30.58
N MET B 154 -2.27 -5.54 29.92
CA MET B 154 -1.16 -6.51 30.03
C MET B 154 -0.53 -6.45 31.43
N ASN B 155 -0.26 -5.24 31.95
CA ASN B 155 0.24 -5.00 33.33
C ASN B 155 -0.69 -5.68 34.35
N ALA B 156 -2.01 -5.76 34.09
CA ALA B 156 -3.00 -6.40 34.99
C ALA B 156 -3.24 -7.87 34.59
N LYS B 157 -2.57 -8.39 33.55
CA LYS B 157 -2.67 -9.80 33.07
C LYS B 157 -4.11 -10.15 32.68
N LYS B 158 -4.89 -9.15 32.24
CA LYS B 158 -6.29 -9.34 31.79
C LYS B 158 -6.29 -9.85 30.33
N ALA B 159 -7.35 -10.57 29.95
CA ALA B 159 -7.56 -11.16 28.61
C ALA B 159 -7.95 -10.08 27.62
N PRO B 160 -7.72 -10.29 26.32
CA PRO B 160 -8.19 -9.37 25.28
C PRO B 160 -9.66 -9.55 24.86
N ARG B 161 -10.36 -10.52 25.47
CA ARG B 161 -11.82 -10.78 25.30
C ARG B 161 -12.51 -10.89 26.67
N PHE B 162 -13.78 -10.47 26.73
CA PHE B 162 -14.67 -10.72 27.89
C PHE B 162 -15.10 -12.20 27.90
N LEU B 163 -15.72 -12.65 28.99
CA LEU B 163 -16.14 -14.07 29.16
C LEU B 163 -17.25 -14.40 28.14
N ASP B 164 -18.05 -13.42 27.75
CA ASP B 164 -19.14 -13.55 26.75
C ASP B 164 -18.56 -13.45 25.32
N MET B 165 -17.23 -13.34 25.19
CA MET B 165 -16.46 -13.49 23.93
C MET B 165 -16.53 -12.22 23.05
N ARG B 166 -17.10 -11.11 23.51
CA ARG B 166 -16.87 -9.78 22.88
C ARG B 166 -15.37 -9.46 22.94
N ARG B 167 -14.87 -8.83 21.88
CA ARG B 167 -13.45 -8.42 21.74
C ARG B 167 -13.26 -7.10 22.47
N ALA B 168 -12.15 -6.96 23.21
CA ALA B 168 -11.69 -5.68 23.81
C ALA B 168 -10.57 -5.04 22.95
N THR B 169 -9.59 -5.83 22.50
CA THR B 169 -8.37 -5.38 21.80
C THR B 169 -7.97 -6.34 20.67
N ASN B 170 -7.02 -5.92 19.85
CA ASN B 170 -6.35 -6.81 18.88
C ASN B 170 -5.40 -7.74 19.65
N TYR B 171 -5.09 -8.92 19.12
CA TYR B 171 -4.22 -9.93 19.77
C TYR B 171 -3.82 -11.03 18.77
N ALA B 172 -2.81 -11.80 19.13
CA ALA B 172 -2.28 -12.98 18.42
C ALA B 172 -2.29 -14.14 19.40
N TRP B 173 -1.55 -15.21 19.10
CA TRP B 173 -1.72 -16.51 19.78
C TRP B 173 -0.37 -17.07 20.21
N HIS B 174 -0.39 -17.80 21.31
CA HIS B 174 0.65 -18.73 21.78
C HIS B 174 0.09 -20.14 21.63
N PHE B 175 0.90 -21.13 21.31
CA PHE B 175 0.39 -22.52 21.23
C PHE B 175 1.52 -23.53 21.21
N ASP B 176 1.16 -24.79 21.47
CA ASP B 176 2.02 -25.98 21.34
C ASP B 176 2.16 -26.27 19.84
N ALA B 177 3.39 -26.18 19.32
CA ALA B 177 3.73 -26.33 17.88
C ALA B 177 3.39 -27.73 17.39
N SER B 178 3.68 -28.76 18.20
CA SER B 178 3.46 -30.18 17.80
C SER B 178 1.95 -30.49 17.73
N LYS B 179 1.13 -29.93 18.62
CA LYS B 179 -0.35 -30.13 18.63
C LYS B 179 -1.00 -29.38 17.47
N VAL B 180 -0.47 -28.22 17.08
CA VAL B 180 -0.95 -27.48 15.88
C VAL B 180 -0.71 -28.37 14.66
N ALA B 181 0.48 -28.95 14.54
CA ALA B 181 0.88 -29.86 13.44
C ALA B 181 -0.09 -31.06 13.43
N ALA B 182 -0.25 -31.73 14.57
CA ALA B 182 -1.12 -32.93 14.71
C ALA B 182 -2.56 -32.56 14.33
N PHE B 183 -3.06 -31.43 14.79
CA PHE B 183 -4.46 -30.98 14.51
C PHE B 183 -4.60 -30.75 13.00
N LEU B 184 -3.59 -30.15 12.38
CA LEU B 184 -3.60 -29.87 10.93
C LEU B 184 -3.46 -31.18 10.14
N ARG B 185 -2.69 -32.16 10.61
CA ARG B 185 -2.56 -33.48 9.95
C ARG B 185 -3.97 -34.08 9.88
N ASN B 186 -4.62 -34.17 11.04
CA ASN B 186 -5.97 -34.73 11.21
C ASN B 186 -6.92 -34.02 10.25
N PHE B 187 -6.91 -32.69 10.22
CA PHE B 187 -7.80 -31.90 9.33
C PHE B 187 -7.51 -32.34 7.89
N ALA B 188 -6.26 -32.32 7.46
CA ALA B 188 -5.85 -32.54 6.05
C ALA B 188 -6.24 -33.95 5.58
N VAL B 189 -6.00 -34.97 6.42
CA VAL B 189 -6.25 -36.41 6.11
C VAL B 189 -7.77 -36.69 6.08
N THR B 190 -8.54 -36.26 7.08
CA THR B 190 -9.97 -36.64 7.28
C THR B 190 -10.90 -35.73 6.46
N LYS B 191 -10.52 -34.48 6.18
CA LYS B 191 -11.44 -33.48 5.56
C LYS B 191 -11.00 -33.06 4.16
N GLN B 192 -9.75 -33.27 3.75
CA GLN B 192 -9.24 -32.76 2.43
CA GLN B 192 -9.19 -32.76 2.47
C GLN B 192 -8.47 -33.88 1.68
N ALA B 193 -8.74 -35.15 2.01
CA ALA B 193 -8.30 -36.34 1.22
C ALA B 193 -6.80 -36.32 0.93
N VAL B 194 -6.00 -35.78 1.84
CA VAL B 194 -4.51 -35.75 1.74
C VAL B 194 -3.98 -37.13 2.14
N GLU B 195 -3.06 -37.70 1.35
CA GLU B 195 -2.41 -38.99 1.69
C GLU B 195 -1.18 -38.72 2.55
N HIS B 196 -1.18 -39.30 3.77
CA HIS B 196 -0.06 -39.29 4.74
C HIS B 196 0.79 -40.55 4.52
N VAL B 197 2.02 -40.38 4.07
CA VAL B 197 3.00 -41.49 3.96
C VAL B 197 4.07 -41.29 5.03
N GLU B 198 4.14 -42.23 5.98
CA GLU B 198 5.15 -42.24 7.09
C GLU B 198 6.35 -43.07 6.67
N ASP B 199 7.39 -42.42 6.11
CA ASP B 199 8.62 -43.08 5.62
C ASP B 199 9.70 -42.01 5.46
N GLU B 200 10.94 -42.43 5.23
CA GLU B 200 12.11 -41.57 5.00
C GLU B 200 12.43 -41.59 3.51
N MET B 201 12.55 -40.41 2.90
CA MET B 201 13.09 -40.16 1.53
C MET B 201 14.59 -40.49 1.52
N THR B 202 15.07 -41.25 0.53
CA THR B 202 16.50 -41.63 0.34
C THR B 202 17.03 -41.10 -0.99
N GLU B 203 16.17 -40.85 -1.98
CA GLU B 203 16.61 -40.36 -3.31
C GLU B 203 15.56 -39.41 -3.87
N VAL B 204 16.04 -38.42 -4.62
CA VAL B 204 15.22 -37.46 -5.38
C VAL B 204 15.49 -37.75 -6.86
N LEU B 205 14.46 -38.17 -7.59
CA LEU B 205 14.58 -38.51 -9.03
C LEU B 205 14.25 -37.28 -9.88
N THR B 206 15.11 -37.00 -10.85
CA THR B 206 15.02 -35.85 -11.78
C THR B 206 15.03 -36.34 -13.23
N ASP B 207 14.40 -35.57 -14.11
CA ASP B 207 14.44 -35.78 -15.57
C ASP B 207 15.64 -35.02 -16.15
N GLU B 208 15.77 -35.05 -17.48
CA GLU B 208 16.93 -34.51 -18.22
C GLU B 208 17.02 -32.99 -18.03
N ARG B 209 15.89 -32.30 -17.75
CA ARG B 209 15.83 -30.83 -17.57
C ARG B 209 16.12 -30.43 -16.11
N GLY B 210 16.37 -31.40 -15.21
CA GLY B 210 16.62 -31.12 -13.79
C GLY B 210 15.32 -30.90 -12.98
N PHE B 211 14.14 -31.14 -13.58
CA PHE B 211 12.84 -31.16 -12.86
C PHE B 211 12.76 -32.45 -12.03
N ILE B 212 12.18 -32.36 -10.84
CA ILE B 212 11.93 -33.54 -9.97
C ILE B 212 10.75 -34.31 -10.57
N THR B 213 10.84 -35.64 -10.62
CA THR B 213 9.77 -36.56 -11.14
C THR B 213 9.17 -37.38 -9.99
N ALA B 214 9.95 -37.64 -8.94
CA ALA B 214 9.46 -38.48 -7.82
C ALA B 214 10.48 -38.51 -6.70
N LEU B 215 10.03 -38.89 -5.50
CA LEU B 215 10.88 -39.18 -4.33
C LEU B 215 10.83 -40.68 -4.07
N ARG B 216 12.00 -41.29 -3.85
CA ARG B 216 12.08 -42.71 -3.42
C ARG B 216 12.28 -42.78 -1.90
N THR B 217 11.52 -43.65 -1.24
CA THR B 217 11.50 -43.83 0.24
C THR B 217 12.35 -45.05 0.60
N LYS B 218 12.79 -45.13 1.87
CA LYS B 218 13.64 -46.24 2.37
C LYS B 218 12.97 -47.60 2.08
N SER B 219 11.64 -47.70 2.22
CA SER B 219 10.86 -48.94 2.04
C SER B 219 10.66 -49.27 0.55
N GLY B 220 11.16 -48.44 -0.38
CA GLY B 220 11.14 -48.72 -1.83
C GLY B 220 9.91 -48.13 -2.53
N ARG B 221 9.07 -47.41 -1.79
CA ARG B 221 7.95 -46.62 -2.36
C ARG B 221 8.52 -45.50 -3.25
N ILE B 222 7.86 -45.24 -4.37
CA ILE B 222 8.15 -44.09 -5.27
C ILE B 222 6.92 -43.18 -5.23
N LEU B 223 7.07 -41.92 -4.79
CA LEU B 223 5.99 -40.91 -4.85
C LEU B 223 6.20 -40.00 -6.07
N GLN B 224 5.43 -40.23 -7.14
CA GLN B 224 5.52 -39.45 -8.38
C GLN B 224 4.77 -38.15 -8.16
N GLY B 225 5.17 -37.09 -8.85
CA GLY B 225 4.49 -35.80 -8.72
C GLY B 225 4.92 -34.88 -9.82
N ASP B 226 4.17 -33.79 -10.00
CA ASP B 226 4.43 -32.72 -10.98
C ASP B 226 5.03 -31.50 -10.26
N LEU B 227 4.72 -31.32 -8.97
CA LEU B 227 5.18 -30.17 -8.16
C LEU B 227 5.54 -30.70 -6.79
N PHE B 228 6.69 -30.28 -6.28
CA PHE B 228 7.23 -30.73 -4.97
C PHE B 228 7.37 -29.51 -4.08
N VAL B 229 6.91 -29.64 -2.84
CA VAL B 229 7.08 -28.56 -1.84
C VAL B 229 8.07 -29.08 -0.82
N ASP B 230 9.20 -28.37 -0.70
CA ASP B 230 10.25 -28.70 0.29
C ASP B 230 9.87 -28.06 1.64
N CYS B 231 9.36 -28.87 2.55
CA CYS B 231 9.18 -28.51 3.98
C CYS B 231 10.09 -29.41 4.81
N SER B 232 11.33 -29.67 4.34
CA SER B 232 12.27 -30.60 5.02
C SER B 232 13.01 -29.92 6.18
N GLY B 233 12.88 -28.60 6.33
CA GLY B 233 13.58 -27.83 7.38
C GLY B 233 14.89 -27.26 6.87
N PHE B 234 15.79 -26.91 7.78
CA PHE B 234 17.10 -26.29 7.49
C PHE B 234 17.88 -27.15 6.46
N ARG B 235 17.69 -28.47 6.50
CA ARG B 235 18.35 -29.45 5.59
C ARG B 235 18.13 -29.05 4.13
N GLY B 236 16.92 -28.60 3.78
CA GLY B 236 16.60 -28.16 2.41
C GLY B 236 16.90 -29.26 1.40
N LEU B 237 16.45 -30.48 1.69
CA LEU B 237 16.77 -31.72 0.94
C LEU B 237 16.42 -31.56 -0.55
N LEU B 238 15.40 -30.75 -0.90
CA LEU B 238 15.02 -30.57 -2.32
C LEU B 238 15.62 -29.26 -2.84
N ILE B 239 15.41 -28.15 -2.14
CA ILE B 239 15.74 -26.82 -2.73
C ILE B 239 17.27 -26.64 -2.77
N ASN B 240 17.97 -27.01 -1.69
CA ASN B 240 19.44 -26.78 -1.56
C ASN B 240 20.22 -27.98 -2.10
N LYS B 241 19.92 -29.19 -1.64
CA LYS B 241 20.63 -30.45 -2.01
C LYS B 241 20.28 -30.85 -3.47
N ALA B 242 19.10 -31.41 -3.71
CA ALA B 242 18.75 -31.94 -5.05
C ALA B 242 18.84 -30.82 -6.09
N MET B 243 18.24 -29.65 -5.82
CA MET B 243 18.10 -28.58 -6.85
C MET B 243 19.35 -27.68 -6.85
N GLU B 244 20.20 -27.76 -5.82
CA GLU B 244 21.51 -27.04 -5.77
C GLU B 244 21.33 -25.52 -5.71
N GLU B 245 20.18 -25.02 -5.27
CA GLU B 245 19.96 -23.56 -5.09
C GLU B 245 20.74 -23.11 -3.84
N PRO B 246 21.66 -22.14 -4.00
CA PRO B 246 22.41 -21.61 -2.87
C PRO B 246 21.54 -20.85 -1.85
N PHE B 247 21.88 -21.01 -0.58
CA PHE B 247 21.32 -20.22 0.55
C PHE B 247 22.21 -18.99 0.76
N ILE B 248 21.62 -17.79 0.72
CA ILE B 248 22.32 -16.50 1.01
C ILE B 248 22.33 -16.32 2.53
N ASP B 249 23.48 -16.59 3.16
CA ASP B 249 23.71 -16.42 4.62
C ASP B 249 23.66 -14.92 4.94
N MET B 250 23.01 -14.52 6.03
CA MET B 250 22.85 -13.07 6.34
C MET B 250 23.19 -12.81 7.81
N SER B 251 24.20 -13.52 8.33
CA SER B 251 24.75 -13.29 9.69
C SER B 251 25.52 -11.96 9.73
N ASP B 252 25.69 -11.28 8.59
CA ASP B 252 26.19 -9.88 8.52
C ASP B 252 25.07 -8.87 8.83
N HIS B 253 23.81 -9.32 9.02
CA HIS B 253 22.66 -8.47 9.44
C HIS B 253 22.22 -8.83 10.86
N LEU B 254 22.30 -10.10 11.23
CA LEU B 254 21.83 -10.59 12.56
C LEU B 254 22.79 -11.67 13.01
N LEU B 255 23.10 -11.66 14.31
CA LEU B 255 24.26 -12.39 14.86
C LEU B 255 23.80 -13.73 15.44
N CYS B 256 22.61 -13.79 16.01
CA CYS B 256 22.16 -15.04 16.67
C CYS B 256 22.02 -16.13 15.61
N ASN B 257 22.38 -17.35 15.99
CA ASN B 257 22.43 -18.51 15.06
C ASN B 257 22.17 -19.81 15.84
N SER B 258 21.74 -19.73 17.10
CA SER B 258 21.62 -20.90 17.99
C SER B 258 20.54 -20.62 19.02
N ALA B 259 19.94 -21.65 19.57
CA ALA B 259 19.00 -21.56 20.71
C ALA B 259 19.10 -22.84 21.54
N VAL B 260 18.85 -22.69 22.84
CA VAL B 260 18.57 -23.80 23.78
C VAL B 260 17.21 -23.53 24.40
N ALA B 261 16.30 -24.48 24.31
CA ALA B 261 14.87 -24.35 24.67
C ALA B 261 14.42 -25.50 25.59
N THR B 262 13.42 -25.22 26.41
CA THR B 262 12.68 -26.23 27.20
C THR B 262 11.29 -25.70 27.43
N ALA B 263 10.43 -26.49 28.08
CA ALA B 263 9.12 -26.09 28.60
C ALA B 263 9.20 -26.16 30.12
N VAL B 264 8.63 -25.18 30.81
CA VAL B 264 8.78 -24.99 32.28
C VAL B 264 7.39 -25.02 32.89
N PRO B 265 7.06 -26.00 33.76
CA PRO B 265 5.74 -26.04 34.40
C PRO B 265 5.56 -24.78 35.26
N HIS B 266 4.31 -24.31 35.43
CA HIS B 266 4.02 -22.94 35.95
C HIS B 266 2.77 -22.98 36.83
N ASP B 267 2.86 -22.39 38.02
CA ASP B 267 1.71 -22.20 38.92
C ASP B 267 0.85 -21.05 38.36
N ASP B 268 -0.14 -21.38 37.54
CA ASP B 268 -1.09 -20.41 36.93
C ASP B 268 -2.03 -19.85 38.00
N GLU B 269 -2.47 -20.68 38.96
CA GLU B 269 -3.36 -20.25 40.08
C GLU B 269 -2.66 -19.14 40.89
N LYS B 270 -1.37 -19.27 41.16
CA LYS B 270 -0.57 -18.30 41.96
C LYS B 270 -0.31 -17.03 41.13
N ASN B 271 0.44 -17.17 40.04
CA ASN B 271 1.11 -16.08 39.28
C ASN B 271 0.17 -15.42 38.26
N GLY B 272 -0.97 -16.04 37.93
CA GLY B 272 -1.77 -15.70 36.74
C GLY B 272 -1.06 -16.11 35.45
N VAL B 273 -1.62 -15.74 34.30
CA VAL B 273 -0.99 -16.00 32.97
C VAL B 273 -0.79 -14.66 32.25
N GLU B 274 0.44 -14.38 31.84
CA GLU B 274 0.76 -13.18 31.03
C GLU B 274 0.18 -13.34 29.63
N PRO B 275 -0.71 -12.42 29.18
CA PRO B 275 -1.17 -12.39 27.80
C PRO B 275 -0.13 -11.71 26.88
N TYR B 276 1.11 -12.18 26.92
CA TYR B 276 2.17 -11.63 26.04
C TYR B 276 3.37 -12.58 26.05
N THR B 277 4.19 -12.45 25.03
CA THR B 277 5.55 -13.05 24.93
C THR B 277 6.52 -12.06 25.58
N SER B 278 7.46 -12.57 26.39
CA SER B 278 8.56 -11.77 26.98
C SER B 278 9.83 -12.08 26.19
N SER B 279 10.57 -11.03 25.78
CA SER B 279 11.94 -11.12 25.24
C SER B 279 12.92 -10.59 26.30
N ILE B 280 13.53 -11.52 27.03
CA ILE B 280 14.43 -11.21 28.17
C ILE B 280 15.88 -11.13 27.67
N ALA B 281 16.48 -9.94 27.72
CA ALA B 281 17.87 -9.76 27.24
C ALA B 281 18.85 -10.56 28.11
N MET B 282 19.89 -11.07 27.47
CA MET B 282 20.95 -11.92 28.05
C MET B 282 22.28 -11.31 27.63
N GLU B 283 23.40 -11.91 28.04
CA GLU B 283 24.74 -11.37 27.76
C GLU B 283 25.11 -11.57 26.28
N ALA B 284 24.69 -12.70 25.68
CA ALA B 284 25.07 -13.07 24.29
C ALA B 284 23.83 -13.30 23.43
N GLY B 285 22.68 -12.72 23.81
CA GLY B 285 21.43 -12.72 23.03
C GLY B 285 20.22 -12.43 23.89
N TRP B 286 19.18 -13.26 23.83
CA TRP B 286 17.91 -13.05 24.57
C TRP B 286 17.19 -14.38 24.76
N THR B 287 16.15 -14.37 25.59
CA THR B 287 15.41 -15.56 26.03
C THR B 287 13.91 -15.27 25.91
N TRP B 288 13.19 -16.14 25.21
CA TRP B 288 11.73 -15.97 25.01
C TRP B 288 11.00 -16.62 26.17
N LYS B 289 9.82 -16.11 26.47
CA LYS B 289 8.86 -16.75 27.41
C LYS B 289 7.49 -16.70 26.73
N ILE B 290 6.91 -17.87 26.47
CA ILE B 290 5.62 -18.04 25.74
C ILE B 290 4.67 -18.81 26.65
N PRO B 291 3.85 -18.08 27.46
CA PRO B 291 2.93 -18.72 28.39
C PRO B 291 1.76 -19.40 27.69
N MET B 292 1.40 -20.55 28.21
CA MET B 292 0.14 -21.29 27.94
C MET B 292 -0.41 -21.74 29.30
N LEU B 293 -1.60 -22.35 29.29
CA LEU B 293 -2.17 -22.98 30.51
C LEU B 293 -1.23 -24.11 30.97
N GLY B 294 -0.76 -24.07 32.22
CA GLY B 294 0.02 -25.13 32.87
C GLY B 294 1.53 -24.97 32.71
N ARG B 295 1.99 -24.15 31.76
CA ARG B 295 3.45 -24.05 31.44
C ARG B 295 3.73 -22.84 30.56
N PHE B 296 5.01 -22.51 30.38
CA PHE B 296 5.51 -21.57 29.36
C PHE B 296 6.67 -22.23 28.63
N GLY B 297 6.70 -22.07 27.31
CA GLY B 297 7.89 -22.39 26.51
C GLY B 297 8.92 -21.31 26.70
N SER B 298 10.20 -21.68 26.85
CA SER B 298 11.31 -20.70 26.92
C SER B 298 12.48 -21.18 26.06
N GLY B 299 13.26 -20.24 25.55
CA GLY B 299 14.51 -20.55 24.84
C GLY B 299 15.42 -19.35 24.78
N HIS B 300 16.69 -19.56 25.12
CA HIS B 300 17.76 -18.56 25.00
C HIS B 300 18.25 -18.62 23.56
N VAL B 301 18.02 -17.56 22.81
CA VAL B 301 18.61 -17.35 21.46
C VAL B 301 19.97 -16.70 21.67
N TYR B 302 21.01 -17.12 20.95
CA TYR B 302 22.41 -16.65 21.15
C TYR B 302 23.26 -16.80 19.88
N SER B 303 24.33 -16.02 19.78
CA SER B 303 25.42 -16.22 18.77
C SER B 303 26.47 -17.18 19.35
N ASP B 304 26.80 -18.26 18.63
CA ASP B 304 27.81 -19.27 19.04
C ASP B 304 29.22 -18.67 18.87
N HIS B 305 29.32 -17.55 18.13
CA HIS B 305 30.55 -16.73 18.00
C HIS B 305 30.83 -15.95 19.29
N PHE B 306 29.89 -15.86 20.25
CA PHE B 306 30.04 -15.02 21.48
C PHE B 306 29.65 -15.80 22.75
N ALA B 307 29.11 -17.00 22.58
CA ALA B 307 28.92 -17.95 23.70
C ALA B 307 29.00 -19.37 23.16
N THR B 308 29.60 -20.27 23.94
CA THR B 308 29.58 -21.74 23.69
C THR B 308 28.22 -22.28 24.11
N GLN B 309 27.85 -23.43 23.58
CA GLN B 309 26.60 -24.13 23.93
C GLN B 309 26.50 -24.22 25.45
N ASP B 310 27.58 -24.61 26.13
CA ASP B 310 27.58 -24.84 27.61
C ASP B 310 27.32 -23.51 28.33
N GLU B 311 27.93 -22.41 27.89
CA GLU B 311 27.80 -21.05 28.50
C GLU B 311 26.32 -20.62 28.43
N ALA B 312 25.74 -20.71 27.24
CA ALA B 312 24.32 -20.34 26.96
C ALA B 312 23.39 -21.22 27.80
N THR B 313 23.67 -22.53 27.88
CA THR B 313 22.81 -23.50 28.61
C THR B 313 22.78 -23.13 30.11
N LEU B 314 23.94 -22.76 30.68
CA LEU B 314 24.09 -22.39 32.11
C LEU B 314 23.29 -21.11 32.40
N ALA B 315 23.50 -20.05 31.60
CA ALA B 315 22.84 -18.73 31.76
C ALA B 315 21.32 -18.91 31.64
N PHE B 316 20.87 -19.75 30.70
CA PHE B 316 19.43 -20.08 30.46
C PHE B 316 18.86 -20.79 31.70
N SER B 317 19.59 -21.80 32.20
CA SER B 317 19.23 -22.57 33.43
C SER B 317 19.18 -21.63 34.65
N LYS B 318 20.20 -20.78 34.82
CA LYS B 318 20.30 -19.81 35.95
C LYS B 318 19.07 -18.91 35.91
N LEU B 319 18.73 -18.40 34.73
CA LEU B 319 17.57 -17.49 34.54
C LEU B 319 16.32 -18.05 35.24
N TRP B 320 15.99 -19.31 35.04
CA TRP B 320 14.73 -19.91 35.56
C TRP B 320 15.01 -20.70 36.85
N GLY B 321 16.27 -20.78 37.27
CA GLY B 321 16.72 -21.61 38.41
C GLY B 321 16.45 -23.08 38.14
N LEU B 322 16.79 -23.53 36.93
CA LEU B 322 16.66 -24.95 36.53
C LEU B 322 17.95 -25.69 36.88
N ASP B 323 17.82 -26.98 37.26
CA ASP B 323 18.94 -27.93 37.43
C ASP B 323 19.41 -28.31 36.03
N PRO B 324 20.62 -27.89 35.57
CA PRO B 324 21.09 -28.18 34.21
C PRO B 324 21.23 -29.67 33.81
N ASP B 325 21.01 -30.61 34.74
CA ASP B 325 21.32 -32.05 34.56
C ASP B 325 20.06 -32.92 34.68
N ASN B 326 19.05 -32.47 35.43
CA ASN B 326 17.68 -33.10 35.46
C ASN B 326 16.69 -32.17 34.76
N THR B 327 17.10 -31.63 33.60
CA THR B 327 16.30 -30.75 32.69
C THR B 327 16.53 -31.20 31.24
N GLU B 328 15.45 -31.45 30.50
CA GLU B 328 15.47 -31.78 29.04
C GLU B 328 15.62 -30.49 28.22
N PHE B 329 16.64 -30.42 27.36
CA PHE B 329 16.98 -29.23 26.51
C PHE B 329 16.95 -29.63 25.03
N ASN B 330 16.27 -28.83 24.21
CA ASN B 330 16.31 -28.92 22.72
C ASN B 330 17.34 -27.89 22.25
N HIS B 331 18.47 -28.33 21.69
CA HIS B 331 19.54 -27.47 21.13
C HIS B 331 19.36 -27.38 19.62
N VAL B 332 19.41 -26.17 19.08
CA VAL B 332 19.19 -25.90 17.64
C VAL B 332 20.33 -24.98 17.22
N ARG B 333 20.90 -25.25 16.06
CA ARG B 333 21.71 -24.29 15.28
C ARG B 333 20.80 -23.93 14.10
N PHE B 334 20.68 -22.66 13.74
CA PHE B 334 19.78 -22.27 12.63
C PHE B 334 20.49 -21.42 11.60
N ARG B 335 20.01 -21.53 10.36
CA ARG B 335 20.39 -20.64 9.23
C ARG B 335 19.74 -19.29 9.51
N VAL B 336 20.41 -18.20 9.14
CA VAL B 336 19.79 -16.87 9.04
C VAL B 336 20.02 -16.39 7.62
N GLY B 337 18.91 -16.11 6.93
CA GLY B 337 18.87 -15.64 5.55
C GLY B 337 17.81 -16.40 4.77
N ARG B 338 17.93 -16.39 3.44
CA ARG B 338 16.96 -17.01 2.52
C ARG B 338 17.69 -17.70 1.36
N ASN B 339 17.00 -18.59 0.66
CA ASN B 339 17.47 -19.13 -0.63
C ASN B 339 17.58 -17.96 -1.60
N ARG B 340 18.57 -18.02 -2.50
CA ARG B 340 18.69 -17.03 -3.59
C ARG B 340 17.32 -16.94 -4.28
N ARG B 341 16.70 -18.08 -4.57
CA ARG B 341 15.32 -18.21 -5.10
C ARG B 341 14.60 -19.26 -4.25
N ALA B 342 13.41 -18.95 -3.73
CA ALA B 342 12.60 -19.87 -2.90
C ALA B 342 12.00 -20.99 -3.77
N TRP B 343 11.71 -20.70 -5.04
CA TRP B 343 11.07 -21.66 -5.99
C TRP B 343 11.98 -21.76 -7.22
N VAL B 344 12.51 -22.96 -7.49
CA VAL B 344 13.37 -23.34 -8.65
C VAL B 344 12.72 -24.54 -9.36
N ARG B 345 12.47 -24.38 -10.67
CA ARG B 345 11.86 -25.41 -11.54
C ARG B 345 10.53 -25.85 -10.90
N ASN B 346 10.40 -27.08 -10.39
CA ASN B 346 9.12 -27.58 -9.83
C ASN B 346 9.32 -27.91 -8.35
N CYS B 347 10.30 -27.25 -7.74
CA CYS B 347 10.57 -27.28 -6.28
C CYS B 347 10.27 -25.91 -5.63
N VAL B 348 9.28 -25.87 -4.74
CA VAL B 348 8.91 -24.67 -3.92
C VAL B 348 9.29 -24.91 -2.46
N SER B 349 10.17 -24.07 -1.90
CA SER B 349 10.55 -24.14 -0.47
C SER B 349 9.55 -23.32 0.35
N VAL B 350 9.15 -23.88 1.50
CA VAL B 350 8.21 -23.29 2.47
C VAL B 350 8.74 -23.62 3.85
N GLY B 351 8.76 -22.63 4.76
CA GLY B 351 9.23 -22.84 6.14
C GLY B 351 10.73 -22.73 6.24
N LEU B 352 11.33 -23.48 7.16
CA LEU B 352 12.78 -23.40 7.46
C LEU B 352 13.62 -23.78 6.23
N ALA B 353 13.06 -24.50 5.26
CA ALA B 353 13.77 -24.84 4.01
C ALA B 353 13.89 -23.61 3.10
N SER B 354 13.03 -22.61 3.32
CA SER B 354 12.98 -21.38 2.50
C SER B 354 13.91 -20.33 3.09
N CYS B 355 13.65 -19.92 4.33
CA CYS B 355 14.20 -18.69 4.92
C CYS B 355 13.85 -18.63 6.41
N PHE B 356 14.61 -17.84 7.16
CA PHE B 356 14.53 -17.79 8.65
C PHE B 356 15.30 -16.60 9.20
N VAL B 357 14.78 -16.08 10.32
CA VAL B 357 15.42 -15.09 11.22
C VAL B 357 15.10 -15.55 12.63
N GLU B 358 15.83 -15.05 13.63
CA GLU B 358 15.51 -15.34 15.05
C GLU B 358 14.03 -15.06 15.29
N PRO B 359 13.41 -15.82 16.22
CA PRO B 359 12.01 -15.63 16.57
C PRO B 359 11.67 -14.40 17.40
N LEU B 360 12.42 -13.31 17.20
CA LEU B 360 12.33 -12.10 18.06
C LEU B 360 10.95 -11.44 17.93
N GLU B 361 10.31 -11.54 16.77
CA GLU B 361 8.95 -10.94 16.57
C GLU B 361 8.00 -11.96 15.93
N SER B 362 8.20 -13.26 16.19
CA SER B 362 7.22 -14.34 15.91
C SER B 362 6.86 -14.34 14.42
N SER B 363 7.87 -14.41 13.56
CA SER B 363 7.77 -14.21 12.11
C SER B 363 7.72 -15.56 11.35
N GLY B 364 8.09 -16.69 11.98
CA GLY B 364 8.25 -18.01 11.31
C GLY B 364 6.99 -18.51 10.63
N ILE B 365 5.92 -18.73 11.39
CA ILE B 365 4.64 -19.30 10.92
C ILE B 365 3.99 -18.33 9.92
N TYR B 366 4.21 -17.03 10.10
CA TYR B 366 3.78 -15.97 9.15
C TYR B 366 4.46 -16.20 7.79
N PHE B 367 5.76 -16.50 7.77
CA PHE B 367 6.52 -16.82 6.52
C PHE B 367 5.86 -18.01 5.82
N ILE B 368 5.41 -19.01 6.58
CA ILE B 368 4.72 -20.21 6.03
C ILE B 368 3.39 -19.81 5.37
N TYR B 369 2.43 -19.21 6.09
CA TYR B 369 1.11 -18.90 5.47
C TYR B 369 1.25 -17.81 4.42
N ALA B 370 2.26 -16.93 4.49
CA ALA B 370 2.45 -15.91 3.44
C ALA B 370 2.88 -16.62 2.16
N ALA B 371 3.86 -17.54 2.25
CA ALA B 371 4.40 -18.32 1.12
C ALA B 371 3.28 -19.18 0.50
N ILE B 372 2.53 -19.89 1.34
CA ILE B 372 1.45 -20.78 0.85
C ILE B 372 0.43 -19.93 0.09
N HIS B 373 0.04 -18.79 0.65
CA HIS B 373 -0.92 -17.85 0.02
C HIS B 373 -0.36 -17.48 -1.35
N MET B 374 0.92 -17.13 -1.40
CA MET B 374 1.54 -16.63 -2.66
C MET B 374 1.64 -17.79 -3.68
N LEU B 375 1.88 -19.02 -3.23
CA LEU B 375 1.95 -20.24 -4.06
C LEU B 375 0.56 -20.51 -4.69
N ALA B 376 -0.51 -20.50 -3.88
CA ALA B 376 -1.90 -20.61 -4.37
C ALA B 376 -2.15 -19.56 -5.47
N LYS B 377 -1.71 -18.32 -5.28
CA LYS B 377 -1.98 -17.21 -6.24
C LYS B 377 -1.16 -17.41 -7.52
N HIS B 378 0.08 -17.89 -7.38
CA HIS B 378 1.04 -18.07 -8.49
C HIS B 378 1.08 -19.54 -8.94
N PHE B 379 0.04 -20.34 -8.65
CA PHE B 379 0.05 -21.81 -8.86
C PHE B 379 0.23 -22.05 -10.35
N PRO B 380 1.23 -22.89 -10.71
CA PRO B 380 1.61 -23.07 -12.10
C PRO B 380 0.78 -24.16 -12.81
N ASP B 381 0.93 -24.25 -14.13
CA ASP B 381 0.62 -25.48 -14.89
C ASP B 381 1.98 -26.07 -15.26
N LYS B 382 2.01 -27.17 -16.02
CA LYS B 382 3.27 -27.91 -16.27
C LYS B 382 4.25 -27.12 -17.15
N THR B 383 3.82 -26.05 -17.84
CA THR B 383 4.73 -25.12 -18.58
C THR B 383 5.61 -24.30 -17.60
N PHE B 384 5.29 -24.27 -16.30
CA PHE B 384 6.01 -23.48 -15.27
C PHE B 384 6.48 -22.13 -15.84
N ASP B 385 5.53 -21.27 -16.22
CA ASP B 385 5.81 -19.90 -16.73
C ASP B 385 6.84 -19.22 -15.80
N LYS B 386 7.97 -18.82 -16.39
CA LYS B 386 9.15 -18.18 -15.73
C LYS B 386 8.71 -16.92 -14.95
N VAL B 387 7.77 -16.15 -15.51
CA VAL B 387 7.22 -14.93 -14.88
C VAL B 387 6.46 -15.29 -13.59
N LEU B 388 5.62 -16.34 -13.57
CA LEU B 388 4.92 -16.73 -12.31
C LEU B 388 5.97 -17.02 -11.24
N VAL B 389 7.03 -17.73 -11.60
CA VAL B 389 8.05 -18.21 -10.62
C VAL B 389 8.81 -16.99 -10.08
N ASP B 390 9.21 -16.09 -10.98
CA ASP B 390 9.94 -14.85 -10.61
C ASP B 390 9.08 -14.00 -9.66
N ARG B 391 7.78 -13.77 -9.98
CA ARG B 391 6.92 -12.91 -9.12
C ARG B 391 6.78 -13.56 -7.75
N PHE B 392 6.71 -14.88 -7.66
CA PHE B 392 6.58 -15.55 -6.35
C PHE B 392 7.87 -15.25 -5.57
N ASN B 393 8.99 -15.43 -6.22
CA ASN B 393 10.33 -15.33 -5.58
C ASN B 393 10.52 -13.90 -5.04
N ARG B 394 10.07 -12.92 -5.80
CA ARG B 394 10.16 -11.48 -5.48
C ARG B 394 9.32 -11.21 -4.22
N GLU B 395 8.11 -11.73 -4.13
CA GLU B 395 7.25 -11.55 -2.93
C GLU B 395 7.95 -12.16 -1.72
N ILE B 396 8.56 -13.31 -1.86
CA ILE B 396 9.24 -13.97 -0.70
C ILE B 396 10.39 -13.08 -0.24
N GLU B 397 11.13 -12.47 -1.18
CA GLU B 397 12.39 -11.76 -0.86
C GLU B 397 12.04 -10.43 -0.19
N GLU B 398 11.04 -9.71 -0.69
CA GLU B 398 10.54 -8.46 -0.03
C GLU B 398 9.95 -8.77 1.36
N MET B 399 9.13 -9.80 1.49
CA MET B 399 8.52 -10.16 2.79
C MET B 399 9.64 -10.39 3.80
N PHE B 400 10.63 -11.20 3.44
CA PHE B 400 11.74 -11.58 4.33
C PHE B 400 12.58 -10.35 4.68
N ASP B 401 12.94 -9.54 3.68
CA ASP B 401 13.93 -8.43 3.84
C ASP B 401 13.25 -7.34 4.69
N ASP B 402 11.97 -7.08 4.49
CA ASP B 402 11.16 -6.21 5.39
C ASP B 402 11.37 -6.65 6.86
N THR B 403 11.13 -7.92 7.17
CA THR B 403 11.09 -8.41 8.56
C THR B 403 12.53 -8.42 9.09
N ARG B 404 13.51 -8.75 8.26
CA ARG B 404 14.94 -8.84 8.65
C ARG B 404 15.42 -7.47 9.16
N ASP B 405 15.16 -6.45 8.37
CA ASP B 405 15.48 -5.03 8.66
C ASP B 405 14.80 -4.64 9.99
N PHE B 406 13.50 -4.90 10.16
CA PHE B 406 12.77 -4.57 11.40
C PHE B 406 13.50 -5.20 12.61
N LEU B 407 13.97 -6.43 12.45
CA LEU B 407 14.68 -7.16 13.54
C LEU B 407 16.02 -6.47 13.85
N GLN B 408 16.76 -6.09 12.81
CA GLN B 408 18.13 -5.52 12.92
C GLN B 408 18.06 -4.27 13.81
N ALA B 409 17.02 -3.44 13.59
CA ALA B 409 16.67 -2.22 14.36
C ALA B 409 16.59 -2.49 15.86
N HIS B 410 16.09 -3.65 16.28
CA HIS B 410 16.00 -4.05 17.71
C HIS B 410 17.40 -4.11 18.35
N TYR B 411 18.44 -4.39 17.55
CA TYR B 411 19.82 -4.67 18.00
C TYR B 411 20.69 -3.43 17.83
N TYR B 412 20.61 -2.80 16.65
CA TYR B 412 21.53 -1.71 16.25
C TYR B 412 21.30 -0.48 17.14
N PHE B 413 20.11 -0.36 17.76
CA PHE B 413 19.72 0.81 18.57
C PHE B 413 19.56 0.43 20.04
N SER B 414 19.90 -0.81 20.44
CA SER B 414 20.16 -1.14 21.86
C SER B 414 21.35 -0.30 22.31
N PRO B 415 21.24 0.42 23.45
CA PRO B 415 22.38 1.21 23.94
C PRO B 415 23.44 0.37 24.66
N ARG B 416 23.22 -0.94 24.82
CA ARG B 416 24.08 -1.83 25.63
C ARG B 416 25.43 -2.00 24.94
N VAL B 417 26.51 -1.89 25.73
CA VAL B 417 27.93 -2.03 25.30
C VAL B 417 28.69 -2.89 26.32
N ASP B 418 28.00 -3.52 27.28
CA ASP B 418 28.62 -4.30 28.38
C ASP B 418 29.22 -5.64 27.94
N THR B 419 28.89 -6.21 26.77
CA THR B 419 29.47 -7.51 26.33
C THR B 419 29.93 -7.40 24.87
N PRO B 420 30.85 -8.28 24.40
CA PRO B 420 31.30 -8.21 23.01
C PRO B 420 30.11 -8.41 22.04
N PHE B 421 29.13 -9.25 22.43
CA PHE B 421 27.86 -9.45 21.65
C PHE B 421 27.17 -8.10 21.39
N TRP B 422 26.82 -7.39 22.46
CA TRP B 422 26.07 -6.10 22.35
C TRP B 422 26.89 -5.07 21.57
N ARG B 423 28.21 -5.03 21.75
CA ARG B 423 29.11 -4.12 20.98
C ARG B 423 29.13 -4.56 19.51
N ALA B 424 29.15 -5.87 19.26
CA ALA B 424 29.30 -6.43 17.88
C ALA B 424 28.10 -6.02 17.03
N ASN B 425 26.91 -5.95 17.65
CA ASN B 425 25.68 -5.49 16.98
C ASN B 425 25.89 -4.11 16.34
N LYS B 426 26.63 -3.19 17.00
CA LYS B 426 26.87 -1.82 16.46
C LYS B 426 27.82 -1.87 15.25
N GLU B 427 28.54 -2.98 15.04
CA GLU B 427 29.57 -3.14 13.98
C GLU B 427 28.91 -3.59 12.67
N LEU B 428 27.68 -4.13 12.74
CA LEU B 428 26.99 -4.72 11.57
C LEU B 428 26.50 -3.62 10.65
N LYS B 429 26.46 -3.90 9.34
CA LYS B 429 25.99 -2.97 8.30
C LYS B 429 24.47 -2.96 8.33
N LEU B 430 23.88 -1.77 8.47
CA LEU B 430 22.42 -1.58 8.35
C LEU B 430 22.07 -1.69 6.88
N ALA B 431 20.97 -2.35 6.57
CA ALA B 431 20.43 -2.38 5.20
C ALA B 431 19.95 -0.97 4.85
N ASP B 432 19.98 -0.63 3.57
CA ASP B 432 19.58 0.70 3.05
C ASP B 432 18.15 1.02 3.52
N SER B 433 17.22 0.06 3.45
CA SER B 433 15.79 0.32 3.69
C SER B 433 15.63 0.77 5.15
N ILE B 434 16.37 0.19 6.08
CA ILE B 434 16.23 0.52 7.53
C ILE B 434 16.98 1.84 7.85
N LYS B 435 18.04 2.15 7.12
CA LYS B 435 18.74 3.46 7.25
C LYS B 435 17.75 4.56 6.85
N ASP B 436 17.06 4.36 5.73
CA ASP B 436 16.08 5.32 5.16
C ASP B 436 14.94 5.53 6.16
N LYS B 437 14.49 4.47 6.83
CA LYS B 437 13.35 4.52 7.79
C LYS B 437 13.79 5.26 9.04
N VAL B 438 15.02 5.02 9.48
CA VAL B 438 15.58 5.70 10.68
C VAL B 438 15.64 7.20 10.43
N GLU B 439 16.15 7.61 9.27
CA GLU B 439 16.27 9.02 8.84
C GLU B 439 14.85 9.64 8.81
N THR B 440 13.83 8.87 8.40
CA THR B 440 12.44 9.36 8.30
C THR B 440 11.95 9.64 9.73
N TYR B 441 12.10 8.65 10.60
CA TYR B 441 11.71 8.70 12.02
C TYR B 441 12.38 9.88 12.71
N ARG B 442 13.68 10.07 12.47
CA ARG B 442 14.54 11.10 13.12
C ARG B 442 14.09 12.51 12.73
N ALA B 443 13.49 12.68 11.56
CA ALA B 443 12.91 13.96 11.08
C ALA B 443 11.51 14.19 11.65
N GLY B 444 10.99 13.28 12.49
CA GLY B 444 9.65 13.36 13.10
C GLY B 444 8.54 12.81 12.21
N LEU B 445 8.86 12.35 10.99
CA LEU B 445 7.86 11.80 10.01
C LEU B 445 7.44 10.38 10.43
N PRO B 446 6.20 9.97 10.07
CA PRO B 446 5.79 8.58 10.24
C PRO B 446 6.57 7.64 9.30
N VAL B 447 6.75 6.40 9.76
CA VAL B 447 7.36 5.27 9.00
C VAL B 447 6.25 4.25 8.67
N ASN B 448 5.95 4.00 7.40
CA ASN B 448 4.94 2.99 6.95
C ASN B 448 3.60 3.22 7.68
N LEU B 449 2.96 4.34 7.40
CA LEU B 449 1.63 4.69 7.97
C LEU B 449 0.62 3.60 7.58
N PRO B 450 -0.16 3.00 8.52
CA PRO B 450 -1.13 1.95 8.15
C PRO B 450 -2.30 2.48 7.30
N VAL B 451 -3.06 1.57 6.67
CA VAL B 451 -4.19 1.91 5.74
C VAL B 451 -5.53 1.91 6.49
N THR B 452 -6.03 0.73 6.93
CA THR B 452 -7.44 0.53 7.38
C THR B 452 -7.56 0.84 8.88
N GLU B 464 0.21 -6.04 1.95
CA GLU B 464 0.39 -6.00 3.42
C GLU B 464 1.59 -6.86 3.83
N PHE B 465 1.83 -7.99 3.16
CA PHE B 465 2.94 -8.94 3.45
C PHE B 465 4.31 -8.27 3.20
N ARG B 466 4.37 -7.24 2.35
CA ARG B 466 5.66 -6.62 1.93
C ARG B 466 5.93 -5.28 2.63
N ASN B 467 4.98 -4.73 3.40
CA ASN B 467 5.20 -3.68 4.44
C ASN B 467 4.27 -4.01 5.62
N PHE B 468 4.58 -5.06 6.37
CA PHE B 468 3.74 -5.63 7.46
C PHE B 468 3.89 -4.77 8.74
N TRP B 469 5.10 -4.20 8.95
CA TRP B 469 5.49 -3.45 10.17
C TRP B 469 5.26 -1.96 9.92
N THR B 470 4.30 -1.41 10.68
CA THR B 470 3.74 -0.07 10.51
C THR B 470 4.42 0.90 11.48
N ASN B 471 4.08 2.18 11.33
CA ASN B 471 4.50 3.30 12.18
C ASN B 471 4.50 2.89 13.66
N GLY B 472 3.39 2.38 14.19
CA GLY B 472 3.24 2.07 15.62
C GLY B 472 4.31 1.10 16.12
N SER B 473 4.67 0.14 15.29
CA SER B 473 5.66 -0.92 15.58
C SER B 473 7.08 -0.32 15.59
N TYR B 474 7.39 0.56 14.65
CA TYR B 474 8.70 1.27 14.61
C TYR B 474 8.81 2.14 15.86
N TYR B 475 7.73 2.84 16.24
CA TYR B 475 7.72 3.69 17.45
C TYR B 475 7.95 2.80 18.65
N CYS B 476 7.29 1.65 18.74
CA CYS B 476 7.42 0.77 19.92
C CYS B 476 8.87 0.38 20.15
N ILE B 477 9.63 0.15 19.07
CA ILE B 477 11.01 -0.40 19.16
C ILE B 477 12.01 0.78 19.32
N PHE B 478 11.95 1.77 18.44
CA PHE B 478 12.80 2.97 18.52
C PHE B 478 12.62 3.61 19.91
N ALA B 479 11.41 4.03 20.24
CA ALA B 479 11.19 4.82 21.47
C ALA B 479 11.41 3.91 22.68
N GLY B 480 11.05 2.63 22.58
CA GLY B 480 11.24 1.66 23.67
C GLY B 480 12.72 1.53 24.02
N LEU B 481 13.58 1.59 23.02
CA LEU B 481 15.05 1.42 23.18
C LEU B 481 15.70 2.78 23.50
N GLY B 482 14.96 3.87 23.41
CA GLY B 482 15.38 5.23 23.78
C GLY B 482 15.79 6.07 22.59
N LEU B 483 15.62 5.59 21.36
CA LEU B 483 15.91 6.44 20.17
C LEU B 483 14.67 7.28 19.89
N MET B 484 14.82 8.61 19.83
CA MET B 484 13.70 9.58 19.67
C MET B 484 13.93 10.34 18.38
N PRO B 485 12.88 10.94 17.78
CA PRO B 485 13.09 11.90 16.70
C PRO B 485 13.96 13.04 17.25
N ARG B 486 14.66 13.75 16.36
CA ARG B 486 15.49 14.95 16.65
C ARG B 486 14.60 16.04 17.25
N ASN B 487 13.43 16.18 16.68
CA ASN B 487 12.44 17.24 17.00
C ASN B 487 11.06 16.68 16.68
N PRO B 488 10.01 17.25 17.29
CA PRO B 488 8.63 16.91 16.92
C PRO B 488 8.37 17.09 15.42
N LEU B 489 7.32 16.43 14.93
CA LEU B 489 6.79 16.71 13.57
C LEU B 489 6.52 18.21 13.49
N PRO B 490 7.29 18.99 12.71
CA PRO B 490 7.13 20.44 12.64
C PRO B 490 5.72 20.95 12.42
N ALA B 491 4.87 20.20 11.70
CA ALA B 491 3.49 20.63 11.36
C ALA B 491 2.67 20.81 12.63
N LEU B 492 3.05 20.16 13.73
CA LEU B 492 2.30 20.21 15.00
C LEU B 492 2.41 21.61 15.59
N ALA B 493 3.50 22.32 15.33
CA ALA B 493 3.72 23.69 15.83
C ALA B 493 2.66 24.63 15.24
N TYR B 494 1.96 24.23 14.17
CA TYR B 494 0.97 25.10 13.47
C TYR B 494 -0.47 24.64 13.70
N LYS B 495 -0.68 23.65 14.58
CA LYS B 495 -1.99 22.92 14.67
C LYS B 495 -2.46 22.82 16.12
N PRO B 496 -2.72 23.97 16.81
CA PRO B 496 -3.16 23.98 18.21
C PRO B 496 -4.47 23.20 18.46
N GLN B 497 -5.42 23.29 17.53
CA GLN B 497 -6.70 22.52 17.61
C GLN B 497 -6.42 21.01 17.56
N SER B 498 -5.39 20.58 16.80
CA SER B 498 -5.08 19.14 16.65
C SER B 498 -4.34 18.67 17.91
N ILE B 499 -3.45 19.49 18.50
CA ILE B 499 -2.82 19.20 19.82
C ILE B 499 -3.95 18.89 20.82
N ALA B 500 -4.98 19.75 20.87
CA ALA B 500 -6.09 19.67 21.85
C ALA B 500 -6.91 18.41 21.59
N GLU B 501 -7.22 18.13 20.32
CA GLU B 501 -7.97 16.90 19.92
C GLU B 501 -7.16 15.68 20.42
N ALA B 502 -5.82 15.73 20.36
CA ALA B 502 -4.95 14.61 20.77
C ALA B 502 -5.02 14.39 22.28
N GLU B 503 -5.17 15.47 23.05
CA GLU B 503 -5.32 15.45 24.53
C GLU B 503 -6.55 14.61 24.89
N LEU B 504 -7.66 14.79 24.16
CA LEU B 504 -8.87 13.95 24.37
C LEU B 504 -8.50 12.48 24.10
N LEU B 505 -7.71 12.17 23.07
CA LEU B 505 -7.39 10.75 22.75
C LEU B 505 -6.51 10.16 23.86
N PHE B 506 -5.58 10.92 24.44
CA PHE B 506 -4.72 10.44 25.55
C PHE B 506 -5.62 10.10 26.74
N ALA B 507 -6.59 10.95 27.01
CA ALA B 507 -7.58 10.77 28.11
C ALA B 507 -8.45 9.54 27.83
N ASP B 508 -8.88 9.33 26.58
CA ASP B 508 -9.70 8.16 26.15
C ASP B 508 -8.91 6.87 26.39
N VAL B 509 -7.61 6.86 26.09
CA VAL B 509 -6.72 5.67 26.32
C VAL B 509 -6.70 5.35 27.83
N LYS B 510 -6.45 6.33 28.68
CA LYS B 510 -6.45 6.22 30.17
C LYS B 510 -7.79 5.63 30.64
N ARG B 511 -8.90 6.23 30.22
CA ARG B 511 -10.28 5.85 30.63
C ARG B 511 -10.60 4.41 30.17
N LYS B 512 -10.30 4.09 28.93
CA LYS B 512 -10.55 2.74 28.32
C LYS B 512 -9.70 1.71 29.09
N GLY B 513 -8.44 2.01 29.36
CA GLY B 513 -7.54 1.17 30.19
C GLY B 513 -8.16 0.90 31.56
N ASP B 514 -8.51 1.95 32.29
CA ASP B 514 -9.09 1.85 33.66
C ASP B 514 -10.37 1.02 33.58
N THR B 515 -11.29 1.36 32.69
CA THR B 515 -12.61 0.68 32.52
C THR B 515 -12.34 -0.80 32.24
N LEU B 516 -11.53 -1.10 31.23
CA LEU B 516 -11.28 -2.49 30.77
C LEU B 516 -10.49 -3.26 31.84
N VAL B 517 -9.52 -2.65 32.51
CA VAL B 517 -8.73 -3.34 33.58
C VAL B 517 -9.70 -3.83 34.67
N GLU B 518 -10.84 -3.14 34.86
CA GLU B 518 -11.89 -3.50 35.85
C GLU B 518 -12.82 -4.59 35.28
N SER B 519 -13.34 -4.43 34.07
CA SER B 519 -14.44 -5.29 33.56
C SER B 519 -13.91 -6.60 32.95
N LEU B 520 -12.65 -6.67 32.52
CA LEU B 520 -12.11 -7.88 31.82
C LEU B 520 -11.84 -9.00 32.81
N PRO B 521 -11.98 -10.27 32.38
CA PRO B 521 -11.51 -11.41 33.17
C PRO B 521 -10.00 -11.51 33.06
N SER B 522 -9.37 -12.20 34.00
CA SER B 522 -7.93 -12.56 33.94
C SER B 522 -7.73 -13.49 32.74
N THR B 523 -6.54 -13.47 32.15
CA THR B 523 -6.14 -14.40 31.06
C THR B 523 -6.39 -15.83 31.58
N TYR B 524 -5.95 -16.11 32.81
CA TYR B 524 -6.12 -17.41 33.50
C TYR B 524 -7.59 -17.86 33.40
N ASP B 525 -8.49 -16.99 33.82
CA ASP B 525 -9.94 -17.34 33.90
C ASP B 525 -10.50 -17.52 32.47
N LEU B 526 -10.10 -16.68 31.49
CA LEU B 526 -10.60 -16.85 30.11
C LEU B 526 -10.07 -18.17 29.55
N LEU B 527 -8.79 -18.49 29.78
CA LEU B 527 -8.19 -19.76 29.32
C LEU B 527 -8.97 -20.95 29.93
N ARG B 528 -9.20 -20.93 31.24
CA ARG B 528 -9.90 -22.02 31.99
C ARG B 528 -11.32 -22.22 31.44
N GLN B 529 -12.05 -21.16 31.12
CA GLN B 529 -13.37 -21.28 30.42
C GLN B 529 -13.15 -21.95 29.05
N LEU B 530 -12.26 -21.39 28.23
CA LEU B 530 -12.02 -21.82 26.82
C LEU B 530 -11.72 -23.33 26.75
N HIS B 531 -10.77 -23.84 27.55
CA HIS B 531 -10.28 -25.24 27.51
C HIS B 531 -11.11 -26.15 28.43
N GLY B 532 -12.39 -25.86 28.65
CA GLY B 532 -13.38 -26.76 29.29
C GLY B 532 -13.12 -26.96 30.77
#